data_1HDC
#
_entry.id   1HDC
#
_cell.length_a   72.050
_cell.length_b   60.040
_cell.length_c   59.840
_cell.angle_alpha   101.78
_cell.angle_beta   104.41
_cell.angle_gamma   96.31
#
_symmetry.space_group_name_H-M   'P 1'
#
loop_
_entity.id
_entity.type
_entity.pdbx_description
1 polymer '3-ALPHA, 20 BETA-HYDROXYSTEROID DEHYDROGENASE'
2 non-polymer CARBENOXOLONE
3 water water
#
_entity_poly.entity_id   1
_entity_poly.type   'polypeptide(L)'
_entity_poly.pdbx_seq_one_letter_code
;NDLSGKTVIITGGARGLGAEAARQAVAAGARVVLADVLDEEGAATARELGDAARYQHLDVTIEEDWQRVVAYAREEFGSV
DGLVNNAGISTGMFLETESVERFRKVVEINLTGVFIGMKTVIPAMKDAGGGSIVNISSAAGLMGLALTSSYGASKWGVRG
LSKLAAVELGTDRIRVNSVHPGMTYTPMTAETGIRQGEGNYPNTPMGRVGNEPGEIAGAVVKLLSDTSSYVTGAELAVDG
GWTTGPTVKYVMGQ
;
_entity_poly.pdbx_strand_id   A,B,C,D
#
loop_
_chem_comp.id
_chem_comp.type
_chem_comp.name
_chem_comp.formula
CBO non-polymer CARBENOXOLONE 'C34 H50 O7'
#
# COMPACT_ATOMS: atom_id res chain seq x y z
N ASN A 1 12.40 -22.77 -14.02
CA ASN A 1 11.41 -23.54 -13.21
C ASN A 1 11.82 -23.55 -11.75
N ASP A 2 10.97 -24.15 -10.90
CA ASP A 2 11.22 -24.18 -9.48
C ASP A 2 11.36 -25.57 -8.89
N LEU A 3 12.52 -25.80 -8.27
CA LEU A 3 12.83 -27.06 -7.63
C LEU A 3 12.87 -26.93 -6.10
N SER A 4 12.05 -27.74 -5.44
CA SER A 4 11.97 -27.75 -3.99
C SER A 4 12.48 -29.09 -3.50
N GLY A 5 13.75 -29.40 -3.76
CA GLY A 5 14.32 -30.67 -3.31
C GLY A 5 14.70 -30.60 -1.83
N LYS A 6 13.74 -30.18 -0.98
CA LYS A 6 13.89 -29.99 0.48
C LYS A 6 12.68 -30.41 1.37
N THR A 7 12.74 -30.08 2.68
CA THR A 7 11.69 -30.44 3.69
C THR A 7 10.61 -29.38 4.10
N VAL A 8 9.34 -29.73 3.91
CA VAL A 8 8.26 -28.78 4.20
C VAL A 8 7.02 -29.21 4.97
N ILE A 9 6.72 -28.52 6.06
CA ILE A 9 5.52 -28.85 6.80
C ILE A 9 4.39 -27.95 6.25
N ILE A 10 3.22 -28.53 6.01
CA ILE A 10 2.08 -27.79 5.49
C ILE A 10 0.95 -27.87 6.51
N THR A 11 0.54 -26.69 6.97
CA THR A 11 -0.53 -26.56 7.95
C THR A 11 -1.86 -26.62 7.16
N GLY A 12 -2.84 -27.35 7.70
CA GLY A 12 -4.14 -27.49 7.08
C GLY A 12 -4.12 -28.30 5.80
N GLY A 13 -3.06 -29.08 5.60
CA GLY A 13 -2.92 -29.84 4.36
C GLY A 13 -3.69 -31.09 3.96
N ALA A 14 -4.85 -31.38 4.55
CA ALA A 14 -5.56 -32.60 4.16
C ALA A 14 -6.69 -32.42 3.12
N ARG A 15 -7.05 -31.19 2.81
CA ARG A 15 -8.09 -30.88 1.83
C ARG A 15 -7.83 -29.48 1.28
N GLY A 16 -8.47 -29.14 0.16
CA GLY A 16 -8.31 -27.83 -0.45
C GLY A 16 -6.92 -27.32 -0.71
N LEU A 17 -6.76 -26.00 -0.82
CA LEU A 17 -5.47 -25.32 -1.04
C LEU A 17 -4.24 -25.93 -0.31
N GLY A 18 -4.51 -26.56 0.82
CA GLY A 18 -3.46 -27.20 1.59
C GLY A 18 -3.01 -28.47 0.91
N ALA A 19 -3.94 -29.38 0.66
CA ALA A 19 -3.66 -30.65 -0.01
C ALA A 19 -3.05 -30.40 -1.38
N GLU A 20 -3.56 -29.37 -2.05
CA GLU A 20 -3.11 -28.98 -3.38
C GLU A 20 -1.62 -28.63 -3.32
N ALA A 21 -1.22 -27.73 -2.44
CA ALA A 21 0.20 -27.41 -2.34
C ALA A 21 0.98 -28.63 -1.81
N ALA A 22 0.27 -29.57 -1.22
CA ALA A 22 0.90 -30.78 -0.71
C ALA A 22 1.40 -31.57 -1.90
N ARG A 23 0.45 -32.10 -2.65
CA ARG A 23 0.72 -32.89 -3.84
C ARG A 23 1.63 -32.22 -4.88
N GLN A 24 1.37 -30.95 -5.16
CA GLN A 24 2.18 -30.21 -6.12
C GLN A 24 3.64 -30.07 -5.74
N ALA A 25 3.92 -29.83 -4.46
CA ALA A 25 5.28 -29.65 -3.99
C ALA A 25 6.06 -30.96 -3.98
N VAL A 26 5.35 -32.04 -3.67
CA VAL A 26 5.97 -33.35 -3.65
C VAL A 26 6.47 -33.57 -5.05
N ALA A 27 5.62 -33.25 -6.01
CA ALA A 27 5.96 -33.37 -7.43
C ALA A 27 7.20 -32.55 -7.65
N ALA A 28 7.26 -31.38 -7.03
CA ALA A 28 8.42 -30.52 -7.16
C ALA A 28 9.71 -31.10 -6.52
N GLY A 29 9.59 -32.24 -5.86
CA GLY A 29 10.74 -32.86 -5.21
C GLY A 29 10.90 -32.68 -3.70
N ALA A 30 9.90 -32.10 -3.05
CA ALA A 30 9.97 -31.89 -1.62
C ALA A 30 9.46 -33.09 -0.82
N ARG A 31 9.75 -33.06 0.48
CA ARG A 31 9.29 -34.07 1.46
C ARG A 31 8.32 -33.31 2.37
N VAL A 32 7.05 -33.68 2.24
CA VAL A 32 5.94 -33.02 2.91
C VAL A 32 5.29 -33.67 4.15
N VAL A 33 5.03 -32.84 5.17
CA VAL A 33 4.38 -33.28 6.41
C VAL A 33 2.99 -32.61 6.44
N LEU A 34 1.94 -33.39 6.21
CA LEU A 34 0.61 -32.84 6.21
C LEU A 34 0.11 -32.74 7.63
N ALA A 35 0.24 -31.55 8.19
CA ALA A 35 -0.20 -31.29 9.53
C ALA A 35 -1.64 -30.77 9.40
N ASP A 36 -2.60 -31.44 10.01
CA ASP A 36 -4.01 -31.02 9.94
C ASP A 36 -4.87 -31.63 11.06
N VAL A 37 -6.06 -31.09 11.25
CA VAL A 37 -6.99 -31.57 12.26
C VAL A 37 -7.95 -32.69 11.79
N LEU A 38 -8.03 -32.96 10.48
CA LEU A 38 -8.88 -34.06 9.98
C LEU A 38 -8.01 -35.31 9.82
N ASP A 39 -8.05 -36.20 10.80
CA ASP A 39 -7.23 -37.43 10.77
C ASP A 39 -7.55 -38.36 9.61
N GLU A 40 -8.84 -38.62 9.40
CA GLU A 40 -9.35 -39.49 8.33
C GLU A 40 -8.89 -39.03 6.93
N GLU A 41 -9.11 -37.76 6.63
CA GLU A 41 -8.75 -37.19 5.35
C GLU A 41 -7.22 -37.08 5.21
N GLY A 42 -6.55 -36.45 6.16
CA GLY A 42 -5.11 -36.33 6.07
C GLY A 42 -4.42 -37.68 5.87
N ALA A 43 -5.00 -38.73 6.45
CA ALA A 43 -4.47 -40.09 6.35
C ALA A 43 -4.55 -40.56 4.90
N ALA A 44 -5.75 -40.46 4.34
CA ALA A 44 -5.99 -40.85 2.95
C ALA A 44 -5.00 -40.09 2.04
N THR A 45 -5.06 -38.76 2.13
CA THR A 45 -4.21 -37.88 1.36
C THR A 45 -2.71 -38.20 1.41
N ALA A 46 -2.19 -38.40 2.61
CA ALA A 46 -0.77 -38.70 2.75
C ALA A 46 -0.50 -40.08 2.17
N ARG A 47 -1.41 -41.00 2.44
CA ARG A 47 -1.32 -42.36 1.96
C ARG A 47 -1.01 -42.35 0.47
N GLU A 48 -1.74 -41.53 -0.29
CA GLU A 48 -1.54 -41.44 -1.72
C GLU A 48 -0.32 -40.63 -2.20
N LEU A 49 0.39 -39.95 -1.30
CA LEU A 49 1.56 -39.17 -1.73
C LEU A 49 2.94 -39.88 -1.63
N GLY A 50 2.93 -41.16 -1.27
CA GLY A 50 4.15 -41.94 -1.21
C GLY A 50 5.06 -41.63 -0.03
N ASP A 51 6.18 -42.32 0.06
CA ASP A 51 7.15 -42.13 1.15
C ASP A 51 7.68 -40.68 1.16
N ALA A 52 6.98 -39.77 0.49
CA ALA A 52 7.38 -38.37 0.45
C ALA A 52 6.41 -37.58 1.32
N ALA A 53 5.32 -38.23 1.65
CA ALA A 53 4.27 -37.65 2.46
C ALA A 53 4.07 -38.37 3.79
N ARG A 54 3.84 -37.57 4.82
CA ARG A 54 3.57 -38.07 6.16
C ARG A 54 2.38 -37.27 6.63
N TYR A 55 1.59 -37.86 7.51
CA TYR A 55 0.48 -37.15 8.11
C TYR A 55 0.76 -37.12 9.60
N GLN A 56 0.40 -36.02 10.26
CA GLN A 56 0.57 -35.80 11.71
C GLN A 56 -0.55 -34.86 12.15
N HIS A 57 -1.31 -35.26 13.15
CA HIS A 57 -2.40 -34.45 13.65
C HIS A 57 -1.89 -33.16 14.28
N LEU A 58 -2.45 -32.02 13.87
CA LEU A 58 -2.00 -30.74 14.41
C LEU A 58 -3.07 -29.68 14.65
N ASP A 59 -3.11 -29.16 15.88
CA ASP A 59 -4.02 -28.10 16.29
C ASP A 59 -3.15 -26.85 16.38
N VAL A 60 -3.20 -26.08 15.31
CA VAL A 60 -2.44 -24.85 15.12
C VAL A 60 -2.33 -23.86 16.32
N THR A 61 -3.27 -23.93 17.26
CA THR A 61 -3.30 -23.05 18.44
C THR A 61 -2.68 -23.68 19.71
N ILE A 62 -2.17 -24.90 19.56
CA ILE A 62 -1.56 -25.65 20.67
C ILE A 62 -0.08 -25.72 20.43
N GLU A 63 0.71 -25.06 21.28
CA GLU A 63 2.17 -25.06 21.11
C GLU A 63 2.85 -26.41 21.35
N GLU A 64 2.24 -27.26 22.16
CA GLU A 64 2.80 -28.57 22.42
C GLU A 64 2.83 -29.28 21.07
N ASP A 65 1.65 -29.27 20.44
CA ASP A 65 1.38 -29.87 19.14
C ASP A 65 2.43 -29.51 18.10
N TRP A 66 2.73 -28.21 18.05
CA TRP A 66 3.74 -27.64 17.16
C TRP A 66 5.12 -28.25 17.36
N GLN A 67 5.59 -28.28 18.61
CA GLN A 67 6.90 -28.82 18.93
C GLN A 67 7.05 -30.28 18.60
N ARG A 68 5.91 -30.97 18.51
CA ARG A 68 5.90 -32.37 18.16
C ARG A 68 6.12 -32.46 16.67
N VAL A 69 5.19 -31.91 15.89
CA VAL A 69 5.30 -31.92 14.42
C VAL A 69 6.66 -31.37 13.96
N VAL A 70 7.14 -30.31 14.59
CA VAL A 70 8.44 -29.78 14.20
C VAL A 70 9.57 -30.78 14.52
N ALA A 71 9.51 -31.39 15.69
CA ALA A 71 10.53 -32.34 16.12
C ALA A 71 10.50 -33.61 15.28
N TYR A 72 9.31 -34.11 15.00
CA TYR A 72 9.12 -35.29 14.18
C TYR A 72 9.70 -34.98 12.78
N ALA A 73 9.35 -33.84 12.19
CA ALA A 73 9.86 -33.47 10.89
C ALA A 73 11.38 -33.58 10.89
N ARG A 74 12.01 -32.88 11.84
CA ARG A 74 13.47 -32.90 11.92
C ARG A 74 14.04 -34.28 12.20
N GLU A 75 13.36 -35.06 13.03
CA GLU A 75 13.85 -36.40 13.32
C GLU A 75 13.65 -37.17 12.04
N GLU A 76 12.41 -37.54 11.78
CA GLU A 76 12.06 -38.33 10.61
C GLU A 76 12.70 -37.92 9.30
N PHE A 77 12.74 -36.64 9.01
CA PHE A 77 13.31 -36.22 7.74
C PHE A 77 14.73 -35.71 7.68
N GLY A 78 15.20 -35.06 8.72
CA GLY A 78 16.57 -34.57 8.69
C GLY A 78 16.61 -33.08 8.92
N SER A 79 15.50 -32.40 8.66
CA SER A 79 15.38 -30.95 8.86
C SER A 79 14.04 -30.37 8.38
N VAL A 80 13.93 -29.05 8.47
CA VAL A 80 12.75 -28.33 8.04
C VAL A 80 13.22 -27.05 7.35
N ASP A 81 12.88 -26.93 6.07
CA ASP A 81 13.28 -25.78 5.27
C ASP A 81 12.15 -24.84 4.91
N GLY A 82 10.92 -25.34 4.96
CA GLY A 82 9.82 -24.48 4.62
C GLY A 82 8.57 -24.78 5.41
N LEU A 83 7.75 -23.77 5.60
CA LEU A 83 6.49 -23.93 6.31
C LEU A 83 5.48 -23.13 5.53
N VAL A 84 4.35 -23.75 5.24
CA VAL A 84 3.30 -23.09 4.49
C VAL A 84 2.22 -22.97 5.53
N ASN A 85 1.88 -21.74 5.89
CA ASN A 85 0.87 -21.54 6.90
C ASN A 85 -0.47 -21.39 6.20
N ASN A 86 -1.16 -22.51 5.99
CA ASN A 86 -2.42 -22.48 5.28
C ASN A 86 -3.68 -22.65 6.10
N ALA A 87 -3.56 -22.97 7.39
CA ALA A 87 -4.76 -23.19 8.24
C ALA A 87 -5.44 -21.95 8.79
N GLY A 88 -6.77 -22.01 8.79
CA GLY A 88 -7.58 -20.91 9.29
C GLY A 88 -9.05 -21.22 9.05
N ILE A 89 -9.92 -20.26 9.38
CA ILE A 89 -11.34 -20.41 9.16
C ILE A 89 -11.90 -19.06 8.80
N SER A 90 -12.84 -19.04 7.86
CA SER A 90 -13.42 -17.81 7.34
C SER A 90 -14.52 -17.14 8.14
N THR A 91 -14.85 -15.91 7.74
CA THR A 91 -15.91 -15.20 8.40
C THR A 91 -16.68 -14.55 7.29
N GLY A 92 -18.00 -14.64 7.36
CA GLY A 92 -18.87 -14.04 6.37
C GLY A 92 -20.09 -13.47 7.05
N MET A 93 -19.93 -12.30 7.69
CA MET A 93 -21.01 -11.57 8.40
C MET A 93 -20.64 -10.13 8.74
N PHE A 94 -21.63 -9.27 8.90
CA PHE A 94 -21.41 -7.87 9.27
C PHE A 94 -20.82 -7.79 10.68
N LEU A 95 -19.67 -7.14 10.82
CA LEU A 95 -19.00 -6.96 12.12
C LEU A 95 -19.88 -6.85 13.37
N GLU A 96 -20.79 -5.87 13.39
CA GLU A 96 -21.66 -5.70 14.55
C GLU A 96 -22.41 -6.98 14.91
N THR A 97 -22.43 -7.90 13.99
CA THR A 97 -23.12 -9.16 14.14
C THR A 97 -22.30 -10.27 14.83
N GLU A 98 -20.97 -10.19 14.75
CA GLU A 98 -20.06 -11.20 15.29
C GLU A 98 -19.91 -11.21 16.81
N SER A 99 -20.03 -12.39 17.44
CA SER A 99 -19.89 -12.46 18.87
C SER A 99 -18.40 -12.31 19.16
N VAL A 100 -18.08 -11.55 20.21
CA VAL A 100 -16.67 -11.36 20.59
C VAL A 100 -15.93 -12.68 20.77
N GLU A 101 -16.67 -13.71 21.19
CA GLU A 101 -16.16 -15.05 21.43
C GLU A 101 -15.81 -15.74 20.13
N ARG A 102 -16.60 -15.48 19.08
CA ARG A 102 -16.31 -16.10 17.79
C ARG A 102 -15.07 -15.36 17.32
N PHE A 103 -15.13 -14.04 17.41
CA PHE A 103 -14.05 -13.17 17.01
C PHE A 103 -12.67 -13.61 17.49
N ARG A 104 -12.57 -13.96 18.78
CA ARG A 104 -11.32 -14.38 19.40
C ARG A 104 -10.89 -15.75 18.90
N LYS A 105 -11.85 -16.65 18.80
CA LYS A 105 -11.55 -17.99 18.32
C LYS A 105 -10.92 -17.95 16.94
N VAL A 106 -11.54 -17.22 16.03
CA VAL A 106 -11.06 -17.12 14.64
C VAL A 106 -9.68 -16.46 14.64
N VAL A 107 -9.59 -15.26 15.20
CA VAL A 107 -8.30 -14.56 15.27
C VAL A 107 -7.23 -15.44 15.95
N GLU A 108 -7.67 -16.42 16.75
CA GLU A 108 -6.76 -17.32 17.47
C GLU A 108 -6.17 -18.35 16.54
N ILE A 109 -7.04 -18.96 15.74
CA ILE A 109 -6.64 -19.97 14.78
C ILE A 109 -5.84 -19.33 13.63
N ASN A 110 -6.35 -18.22 13.14
CA ASN A 110 -5.75 -17.51 12.00
C ASN A 110 -4.48 -16.74 12.27
N LEU A 111 -4.46 -15.87 13.29
CA LEU A 111 -3.28 -15.08 13.57
C LEU A 111 -2.36 -15.73 14.60
N THR A 112 -2.82 -15.94 15.83
CA THR A 112 -1.94 -16.55 16.84
C THR A 112 -1.38 -17.88 16.39
N GLY A 113 -2.22 -18.71 15.77
CA GLY A 113 -1.75 -20.02 15.31
C GLY A 113 -0.63 -19.96 14.27
N VAL A 114 -0.41 -18.81 13.62
CA VAL A 114 0.68 -18.78 12.65
C VAL A 114 1.92 -18.30 13.37
N PHE A 115 1.67 -17.51 14.43
CA PHE A 115 2.73 -16.98 15.27
C PHE A 115 3.49 -18.15 15.93
N ILE A 116 2.72 -19.14 16.44
CA ILE A 116 3.31 -20.31 17.11
C ILE A 116 4.15 -21.00 16.04
N GLY A 117 3.55 -21.26 14.87
CA GLY A 117 4.27 -21.88 13.77
C GLY A 117 5.58 -21.21 13.47
N MET A 118 5.57 -19.88 13.39
CA MET A 118 6.81 -19.15 13.09
C MET A 118 7.80 -19.22 14.24
N LYS A 119 7.31 -18.92 15.46
CA LYS A 119 8.12 -18.91 16.68
C LYS A 119 8.68 -20.29 16.96
N THR A 120 7.90 -21.30 16.66
CA THR A 120 8.35 -22.64 16.89
C THR A 120 9.40 -23.02 15.87
N VAL A 121 8.98 -23.20 14.62
CA VAL A 121 9.84 -23.63 13.52
C VAL A 121 11.16 -22.86 13.31
N ILE A 122 11.22 -21.60 13.72
CA ILE A 122 12.45 -20.83 13.51
C ILE A 122 13.73 -21.62 13.83
N PRO A 123 13.89 -22.09 15.08
CA PRO A 123 15.12 -22.84 15.39
C PRO A 123 15.47 -24.04 14.50
N ALA A 124 14.47 -24.57 13.79
CA ALA A 124 14.71 -25.70 12.89
C ALA A 124 15.31 -25.21 11.56
N MET A 125 15.02 -23.95 11.25
CA MET A 125 15.49 -23.36 10.01
C MET A 125 16.84 -22.73 10.18
N LYS A 126 17.07 -22.06 11.29
CA LYS A 126 18.39 -21.48 11.54
C LYS A 126 19.43 -22.63 11.44
N ASP A 127 19.01 -23.81 11.89
CA ASP A 127 19.84 -25.01 11.91
C ASP A 127 20.28 -25.38 10.51
N ALA A 128 19.30 -25.78 9.70
CA ALA A 128 19.52 -26.15 8.33
C ALA A 128 20.19 -24.95 7.62
N GLY A 129 20.16 -23.78 8.24
CA GLY A 129 20.81 -22.63 7.63
C GLY A 129 19.93 -21.64 6.91
N GLY A 130 18.63 -21.89 6.90
CA GLY A 130 17.69 -20.97 6.26
C GLY A 130 16.44 -21.69 5.79
N GLY A 131 15.50 -20.93 5.24
CA GLY A 131 14.27 -21.55 4.75
C GLY A 131 13.20 -20.57 4.33
N SER A 132 12.01 -21.07 4.10
CA SER A 132 10.97 -20.16 3.69
C SER A 132 9.64 -20.41 4.39
N ILE A 133 9.11 -19.35 5.00
CA ILE A 133 7.82 -19.42 5.65
C ILE A 133 6.87 -18.77 4.67
N VAL A 134 5.81 -19.46 4.26
CA VAL A 134 4.85 -18.87 3.35
C VAL A 134 3.49 -18.74 4.03
N ASN A 135 3.18 -17.52 4.47
CA ASN A 135 1.92 -17.28 5.16
C ASN A 135 0.73 -17.03 4.23
N ILE A 136 -0.19 -17.98 4.21
CA ILE A 136 -1.36 -17.90 3.36
C ILE A 136 -2.41 -16.95 3.88
N SER A 137 -2.25 -15.69 3.55
CA SER A 137 -3.19 -14.63 3.96
C SER A 137 -4.42 -14.61 2.98
N SER A 138 -4.94 -13.43 2.64
CA SER A 138 -6.09 -13.45 1.73
C SER A 138 -6.29 -12.15 0.98
N ALA A 139 -7.21 -12.16 0.02
CA ALA A 139 -7.58 -10.93 -0.68
C ALA A 139 -8.17 -10.05 0.44
N ALA A 140 -8.71 -10.69 1.48
CA ALA A 140 -9.27 -10.02 2.67
C ALA A 140 -8.20 -9.34 3.53
N GLY A 141 -6.93 -9.52 3.11
CA GLY A 141 -5.78 -8.94 3.80
C GLY A 141 -5.03 -7.90 2.98
N LEU A 142 -5.56 -7.55 1.80
CA LEU A 142 -4.90 -6.57 0.94
C LEU A 142 -5.73 -5.31 0.71
N MET A 143 -6.98 -5.36 1.13
CA MET A 143 -7.93 -4.26 1.03
C MET A 143 -8.96 -4.66 2.04
N GLY A 144 -9.84 -3.74 2.40
CA GLY A 144 -10.87 -4.08 3.36
C GLY A 144 -12.02 -4.86 2.74
N LEU A 145 -12.07 -6.17 2.98
CA LEU A 145 -13.16 -6.96 2.42
C LEU A 145 -14.33 -6.95 3.43
N ALA A 146 -15.46 -6.38 3.04
CA ALA A 146 -16.61 -6.31 3.94
C ALA A 146 -17.04 -7.72 4.26
N LEU A 147 -17.82 -7.86 5.33
CA LEU A 147 -18.37 -9.15 5.79
C LEU A 147 -17.38 -10.21 6.27
N THR A 148 -16.12 -9.84 6.43
CA THR A 148 -15.13 -10.81 6.86
C THR A 148 -14.69 -10.60 8.31
N SER A 149 -15.10 -9.48 8.89
CA SER A 149 -14.80 -9.15 10.28
C SER A 149 -13.48 -9.79 10.88
N SER A 150 -13.59 -10.76 11.79
CA SER A 150 -12.41 -11.40 12.38
C SER A 150 -11.42 -11.94 11.38
N TYR A 151 -11.92 -12.42 10.22
CA TYR A 151 -11.07 -12.96 9.15
C TYR A 151 -10.31 -11.85 8.44
N GLY A 152 -10.93 -10.67 8.37
CA GLY A 152 -10.28 -9.52 7.74
C GLY A 152 -9.09 -9.10 8.57
N ALA A 153 -9.39 -8.82 9.85
CA ALA A 153 -8.41 -8.41 10.84
C ALA A 153 -7.34 -9.50 10.97
N SER A 154 -7.80 -10.75 11.11
CA SER A 154 -6.88 -11.89 11.19
C SER A 154 -5.82 -11.76 10.12
N LYS A 155 -6.26 -11.98 8.87
CA LYS A 155 -5.43 -11.94 7.70
C LYS A 155 -4.57 -10.71 7.46
N TRP A 156 -5.01 -9.55 7.94
CA TRP A 156 -4.20 -8.34 7.83
C TRP A 156 -3.06 -8.47 8.84
N GLY A 157 -3.35 -9.15 9.97
CA GLY A 157 -2.38 -9.39 11.01
C GLY A 157 -1.27 -10.23 10.38
N VAL A 158 -1.65 -11.26 9.62
CA VAL A 158 -0.66 -12.07 8.95
C VAL A 158 0.19 -11.27 7.95
N ARG A 159 -0.41 -10.43 7.12
CA ARG A 159 0.39 -9.61 6.20
C ARG A 159 1.44 -8.84 7.05
N GLY A 160 1.05 -8.34 8.21
CA GLY A 160 1.99 -7.61 9.07
C GLY A 160 3.00 -8.42 9.85
N LEU A 161 2.59 -9.54 10.40
CA LEU A 161 3.51 -10.39 11.16
C LEU A 161 4.55 -10.87 10.16
N SER A 162 4.06 -11.28 8.99
CA SER A 162 4.92 -11.75 7.89
C SER A 162 6.11 -10.81 7.61
N LYS A 163 5.80 -9.53 7.46
CA LYS A 163 6.76 -8.46 7.19
C LYS A 163 7.78 -8.21 8.29
N LEU A 164 7.29 -8.09 9.51
CA LEU A 164 8.18 -7.80 10.62
C LEU A 164 9.13 -8.94 10.85
N ALA A 165 8.68 -10.17 10.65
CA ALA A 165 9.53 -11.34 10.85
C ALA A 165 10.62 -11.41 9.82
N ALA A 166 10.32 -10.91 8.61
CA ALA A 166 11.27 -10.93 7.50
C ALA A 166 12.32 -9.90 7.71
N VAL A 167 11.94 -8.75 8.25
CA VAL A 167 12.97 -7.78 8.47
C VAL A 167 13.87 -8.29 9.59
N GLU A 168 13.32 -9.13 10.46
CA GLU A 168 14.08 -9.68 11.60
C GLU A 168 14.98 -10.88 11.29
N LEU A 169 14.46 -11.81 10.49
CA LEU A 169 15.14 -13.05 10.12
C LEU A 169 15.95 -12.91 8.84
N GLY A 170 15.90 -11.73 8.25
CA GLY A 170 16.59 -11.44 7.01
C GLY A 170 17.97 -12.04 6.88
N THR A 171 18.80 -11.76 7.87
CA THR A 171 20.19 -12.23 7.86
C THR A 171 20.48 -13.57 8.55
N ASP A 172 19.61 -14.54 8.34
CA ASP A 172 19.76 -15.88 8.91
C ASP A 172 19.27 -16.80 7.85
N ARG A 173 19.15 -16.23 6.65
CA ARG A 173 18.67 -16.93 5.49
C ARG A 173 17.24 -17.45 5.66
N ILE A 174 16.48 -16.87 6.60
CA ILE A 174 15.07 -17.25 6.80
C ILE A 174 14.15 -16.25 6.06
N ARG A 175 13.46 -16.76 5.05
CA ARG A 175 12.58 -15.97 4.19
C ARG A 175 11.11 -16.12 4.51
N VAL A 176 10.41 -15.01 4.58
CA VAL A 176 9.00 -15.03 4.95
C VAL A 176 8.27 -14.07 4.00
N ASN A 177 7.15 -14.54 3.44
CA ASN A 177 6.35 -13.78 2.48
C ASN A 177 4.89 -14.13 2.61
N SER A 178 4.00 -13.20 2.29
CA SER A 178 2.58 -13.52 2.33
C SER A 178 1.96 -13.88 0.96
N VAL A 179 1.01 -14.80 0.97
CA VAL A 179 0.36 -15.23 -0.27
C VAL A 179 -1.10 -14.90 -0.10
N HIS A 180 -1.60 -14.07 -0.98
CA HIS A 180 -2.97 -13.59 -0.93
C HIS A 180 -3.96 -13.97 -2.00
N PRO A 181 -4.51 -15.17 -1.93
CA PRO A 181 -5.49 -15.58 -2.93
C PRO A 181 -6.80 -14.82 -2.83
N GLY A 182 -7.56 -14.80 -3.93
CA GLY A 182 -8.85 -14.15 -3.94
C GLY A 182 -9.83 -15.29 -4.04
N MET A 183 -11.06 -15.04 -4.47
CA MET A 183 -12.04 -16.13 -4.56
C MET A 183 -11.58 -17.38 -5.32
N THR A 184 -11.11 -18.36 -4.57
CA THR A 184 -10.66 -19.65 -5.13
C THR A 184 -11.79 -20.67 -4.97
N TYR A 185 -11.81 -21.68 -5.84
CA TYR A 185 -12.82 -22.75 -5.82
C TYR A 185 -12.43 -23.97 -4.95
N THR A 186 -12.92 -23.95 -3.71
CA THR A 186 -12.65 -24.98 -2.71
C THR A 186 -13.99 -25.46 -2.17
N PRO A 187 -14.00 -26.59 -1.45
CA PRO A 187 -15.27 -27.09 -0.90
C PRO A 187 -15.95 -26.01 -0.03
N MET A 188 -15.18 -25.35 0.84
CA MET A 188 -15.74 -24.30 1.70
C MET A 188 -16.42 -23.22 0.87
N THR A 189 -15.90 -22.97 -0.33
CA THR A 189 -16.46 -21.93 -1.18
C THR A 189 -17.50 -22.42 -2.19
N ALA A 190 -17.46 -23.71 -2.49
CA ALA A 190 -18.42 -24.30 -3.42
C ALA A 190 -19.80 -24.15 -2.80
N GLU A 191 -19.85 -24.39 -1.50
CA GLU A 191 -21.07 -24.29 -0.70
C GLU A 191 -21.72 -22.91 -0.87
N THR A 192 -20.89 -21.87 -0.83
CA THR A 192 -21.27 -20.46 -0.96
C THR A 192 -22.15 -20.09 -2.16
N GLY A 193 -21.87 -20.72 -3.31
CA GLY A 193 -22.63 -20.42 -4.52
C GLY A 193 -21.71 -20.10 -5.69
N ILE A 194 -20.42 -20.07 -5.38
CA ILE A 194 -19.36 -19.81 -6.33
C ILE A 194 -19.37 -20.92 -7.36
N ARG A 195 -19.03 -20.57 -8.60
CA ARG A 195 -18.96 -21.53 -9.70
C ARG A 195 -17.76 -21.22 -10.57
N GLN A 196 -17.05 -22.26 -10.95
CA GLN A 196 -15.87 -22.10 -11.77
C GLN A 196 -16.20 -21.98 -13.26
N GLY A 197 -15.32 -21.30 -13.98
CA GLY A 197 -15.50 -21.12 -15.41
C GLY A 197 -15.34 -19.69 -15.87
N GLU A 198 -15.01 -19.55 -17.15
CA GLU A 198 -14.82 -18.26 -17.82
C GLU A 198 -16.13 -17.48 -17.82
N GLY A 199 -16.14 -16.36 -17.13
CA GLY A 199 -17.34 -15.56 -17.08
C GLY A 199 -18.28 -15.92 -15.94
N ASN A 200 -17.81 -16.72 -14.99
CA ASN A 200 -18.66 -17.10 -13.86
C ASN A 200 -18.60 -16.23 -12.62
N TYR A 201 -17.67 -15.29 -12.60
CA TYR A 201 -17.52 -14.33 -11.50
C TYR A 201 -17.13 -12.92 -12.01
N PRO A 202 -18.12 -12.15 -12.52
CA PRO A 202 -17.99 -10.81 -13.07
C PRO A 202 -17.19 -9.82 -12.24
N ASN A 203 -17.44 -9.84 -10.92
CA ASN A 203 -16.83 -8.91 -9.97
C ASN A 203 -15.36 -8.99 -9.71
N THR A 204 -14.67 -9.72 -10.57
CA THR A 204 -13.21 -9.85 -10.53
C THR A 204 -12.81 -9.64 -12.02
N PRO A 205 -11.74 -8.88 -12.29
CA PRO A 205 -11.28 -8.62 -13.67
C PRO A 205 -11.17 -9.81 -14.66
N MET A 206 -10.59 -10.93 -14.25
CA MET A 206 -10.50 -12.06 -15.16
C MET A 206 -11.84 -12.73 -15.34
N GLY A 207 -12.88 -12.16 -14.74
CA GLY A 207 -14.24 -12.70 -14.87
C GLY A 207 -14.60 -13.99 -14.18
N ARG A 208 -13.63 -14.67 -13.57
CA ARG A 208 -13.87 -15.93 -12.89
C ARG A 208 -13.09 -16.12 -11.59
N VAL A 209 -13.28 -17.28 -11.00
CA VAL A 209 -12.64 -17.62 -9.76
C VAL A 209 -11.41 -18.48 -10.07
N GLY A 210 -10.43 -18.48 -9.17
CA GLY A 210 -9.26 -19.31 -9.42
C GLY A 210 -9.51 -20.71 -8.90
N GLU A 212 -8.64 -21.63 -9.27
CA GLU A 212 -8.72 -23.00 -8.79
C GLU A 212 -7.53 -23.09 -7.84
N PRO A 213 -7.48 -24.13 -7.02
CA PRO A 213 -6.33 -24.22 -6.10
C PRO A 213 -4.99 -24.39 -6.76
N GLY A 214 -4.97 -25.00 -7.95
CA GLY A 214 -3.73 -25.25 -8.68
C GLY A 214 -2.98 -24.01 -9.07
N GLU A 215 -3.72 -22.93 -9.25
CA GLU A 215 -3.16 -21.62 -9.61
C GLU A 215 -2.58 -20.91 -8.39
N ILE A 216 -3.08 -21.28 -7.22
CA ILE A 216 -2.60 -20.65 -5.99
C ILE A 216 -1.34 -21.38 -5.51
N ALA A 217 -1.33 -22.70 -5.63
CA ALA A 217 -0.21 -23.52 -5.20
C ALA A 217 1.08 -23.20 -5.92
N GLY A 218 0.94 -22.88 -7.19
CA GLY A 218 2.10 -22.56 -8.01
C GLY A 218 2.74 -21.30 -7.53
N ALA A 219 1.96 -20.42 -6.93
CA ALA A 219 2.52 -19.19 -6.41
C ALA A 219 3.37 -19.64 -5.21
N VAL A 220 2.83 -20.62 -4.49
CA VAL A 220 3.42 -21.17 -3.28
C VAL A 220 4.72 -21.93 -3.52
N VAL A 221 4.69 -22.95 -4.39
CA VAL A 221 5.90 -23.72 -4.69
C VAL A 221 7.04 -22.79 -5.11
N LYS A 222 6.69 -21.74 -5.86
CA LYS A 222 7.63 -20.77 -6.36
C LYS A 222 8.39 -20.04 -5.25
N LEU A 223 7.69 -19.73 -4.16
CA LEU A 223 8.26 -19.04 -2.99
C LEU A 223 9.08 -20.01 -2.10
N LEU A 224 8.62 -21.24 -2.00
CA LEU A 224 9.31 -22.27 -1.22
C LEU A 224 10.65 -22.58 -1.91
N SER A 225 10.59 -22.74 -3.24
CA SER A 225 11.77 -23.02 -4.04
C SER A 225 12.79 -21.89 -3.90
N ASP A 226 14.05 -22.25 -4.08
CA ASP A 226 15.19 -21.36 -3.95
C ASP A 226 15.24 -20.29 -5.04
N THR A 227 14.40 -20.46 -6.06
CA THR A 227 14.28 -19.53 -7.17
C THR A 227 14.00 -18.10 -6.70
N SER A 228 13.31 -17.98 -5.58
CA SER A 228 12.97 -16.71 -4.97
C SER A 228 13.97 -16.27 -3.92
N SER A 229 15.20 -16.76 -4.05
CA SER A 229 16.25 -16.42 -3.11
C SER A 229 16.64 -14.94 -3.10
N TYR A 230 15.70 -14.10 -2.66
CA TYR A 230 15.88 -12.66 -2.55
C TYR A 230 14.53 -11.97 -2.39
N VAL A 231 13.47 -12.77 -2.42
CA VAL A 231 12.11 -12.30 -2.23
C VAL A 231 11.82 -12.56 -0.76
N THR A 232 11.85 -11.52 0.06
CA THR A 232 11.58 -11.63 1.49
C THR A 232 10.77 -10.40 1.91
N GLY A 233 9.80 -10.59 2.80
CA GLY A 233 9.03 -9.44 3.23
C GLY A 233 8.12 -8.92 2.13
N ALA A 234 7.78 -9.78 1.18
CA ALA A 234 6.92 -9.45 0.03
C ALA A 234 5.53 -10.05 0.18
N GLU A 235 4.60 -9.53 -0.64
CA GLU A 235 3.20 -9.94 -0.64
C GLU A 235 2.65 -10.17 -2.06
N LEU A 236 2.43 -11.42 -2.47
CA LEU A 236 1.85 -11.63 -3.79
C LEU A 236 0.39 -12.06 -3.80
N ALA A 237 -0.42 -11.32 -4.55
CA ALA A 237 -1.84 -11.59 -4.73
C ALA A 237 -2.06 -12.53 -5.91
N VAL A 238 -2.89 -13.56 -5.69
CA VAL A 238 -3.26 -14.49 -6.74
C VAL A 238 -4.80 -14.48 -6.83
N ASP A 239 -5.34 -13.34 -7.28
CA ASP A 239 -6.79 -13.15 -7.38
C ASP A 239 -7.40 -12.58 -8.69
N GLY A 240 -6.77 -12.81 -9.84
CA GLY A 240 -7.32 -12.30 -11.08
C GLY A 240 -7.68 -10.83 -11.02
N GLY A 241 -6.91 -10.05 -10.26
CA GLY A 241 -7.19 -8.63 -10.13
C GLY A 241 -8.32 -8.16 -9.18
N TRP A 242 -8.99 -9.06 -8.48
CA TRP A 242 -10.08 -8.63 -7.60
C TRP A 242 -9.61 -7.47 -6.74
N THR A 243 -8.38 -7.62 -6.30
CA THR A 243 -7.70 -6.73 -5.39
C THR A 243 -7.01 -5.51 -5.97
N THR A 244 -6.75 -5.50 -7.27
CA THR A 244 -6.03 -4.40 -7.90
C THR A 244 -6.77 -3.08 -8.16
N GLY A 245 -8.08 -3.17 -8.30
CA GLY A 245 -8.88 -1.98 -8.55
C GLY A 245 -10.26 -2.43 -9.00
N PRO A 246 -11.23 -1.50 -9.08
CA PRO A 246 -12.59 -1.85 -9.51
C PRO A 246 -12.62 -2.39 -10.96
N THR A 247 -13.71 -3.07 -11.23
CA THR A 247 -14.01 -3.68 -12.53
C THR A 247 -14.58 -2.53 -13.44
N VAL A 248 -14.43 -2.65 -14.75
CA VAL A 248 -14.89 -1.63 -15.71
C VAL A 248 -16.32 -1.25 -15.48
N LYS A 249 -17.20 -2.24 -15.47
CA LYS A 249 -18.63 -2.05 -15.20
C LYS A 249 -18.85 -1.13 -14.01
N TYR A 250 -18.14 -1.44 -12.93
CA TYR A 250 -18.17 -0.68 -11.69
C TYR A 250 -17.70 0.77 -11.82
N VAL A 251 -16.52 0.97 -12.41
CA VAL A 251 -15.94 2.30 -12.60
C VAL A 251 -16.93 3.25 -13.25
N MET A 252 -17.87 2.69 -14.02
CA MET A 252 -18.91 3.48 -14.65
C MET A 252 -20.23 3.43 -13.84
N GLY A 253 -20.89 2.27 -13.82
CA GLY A 253 -22.15 2.11 -13.09
C GLY A 253 -22.95 0.89 -13.55
N GLN A 254 -23.58 0.21 -12.60
CA GLN A 254 -24.38 -0.98 -12.89
C GLN A 254 -25.89 -0.73 -12.96
N ASN B 1 -8.43 25.23 15.98
CA ASN B 1 -8.66 24.68 14.60
C ASN B 1 -7.41 24.89 13.75
N ASP B 2 -7.53 24.61 12.46
CA ASP B 2 -6.43 24.77 11.52
C ASP B 2 -6.21 26.23 11.08
N LEU B 3 -5.17 26.87 11.59
CA LEU B 3 -4.87 28.25 11.22
C LEU B 3 -3.71 28.35 10.22
N SER B 4 -3.89 29.25 9.25
CA SER B 4 -2.92 29.51 8.20
C SER B 4 -2.92 31.02 7.86
N GLY B 5 -2.32 31.83 8.74
CA GLY B 5 -2.23 33.27 8.50
C GLY B 5 -0.94 33.53 7.73
N LYS B 6 -0.77 32.72 6.69
CA LYS B 6 0.40 32.69 5.80
C LYS B 6 -0.02 32.79 4.32
N THR B 7 0.95 32.83 3.41
CA THR B 7 0.69 32.97 1.97
C THR B 7 0.95 31.74 1.09
N VAL B 8 -0.02 31.40 0.25
CA VAL B 8 0.07 30.23 -0.63
C VAL B 8 -0.41 30.42 -2.08
N ILE B 9 0.34 29.88 -3.03
CA ILE B 9 -0.07 29.97 -4.41
C ILE B 9 -0.84 28.70 -4.77
N ILE B 10 -1.96 28.89 -5.46
CA ILE B 10 -2.84 27.79 -5.87
C ILE B 10 -2.92 27.66 -7.39
N THR B 11 -2.38 26.56 -7.85
CA THR B 11 -2.31 26.17 -9.24
C THR B 11 -3.67 25.61 -9.64
N GLY B 12 -4.15 26.04 -10.80
CA GLY B 12 -5.47 25.63 -11.27
C GLY B 12 -6.49 26.40 -10.44
N GLY B 13 -6.02 27.45 -9.78
CA GLY B 13 -6.84 28.22 -8.88
C GLY B 13 -8.12 28.90 -9.31
N ALA B 14 -8.31 29.10 -10.60
CA ALA B 14 -9.51 29.82 -11.04
C ALA B 14 -10.83 29.08 -10.94
N ARG B 15 -10.80 27.76 -10.99
CA ARG B 15 -12.07 27.04 -10.96
C ARG B 15 -12.14 25.77 -10.12
N GLY B 16 -13.37 25.29 -9.93
CA GLY B 16 -13.62 24.08 -9.17
C GLY B 16 -12.91 23.99 -7.84
N LEU B 17 -12.40 22.81 -7.52
CA LEU B 17 -11.74 22.59 -6.24
C LEU B 17 -10.47 23.41 -5.98
N GLY B 18 -9.94 24.01 -7.04
CA GLY B 18 -8.77 24.86 -6.95
C GLY B 18 -9.34 26.19 -6.48
N ALA B 19 -10.59 26.48 -6.86
CA ALA B 19 -11.32 27.71 -6.46
C ALA B 19 -11.87 27.57 -5.03
N GLU B 20 -12.33 26.36 -4.71
CA GLU B 20 -12.87 26.06 -3.39
C GLU B 20 -11.70 26.10 -2.36
N ALA B 21 -10.57 25.50 -2.69
CA ALA B 21 -9.41 25.53 -1.78
C ALA B 21 -9.02 26.94 -1.47
N ALA B 22 -9.16 27.83 -2.46
CA ALA B 22 -8.81 29.24 -2.30
C ALA B 22 -9.83 29.92 -1.42
N ARG B 23 -11.09 29.58 -1.64
CA ARG B 23 -12.19 30.15 -0.87
C ARG B 23 -11.99 29.85 0.60
N GLN B 24 -11.40 28.68 0.87
CA GLN B 24 -11.17 28.22 2.23
C GLN B 24 -9.91 28.72 2.87
N ALA B 25 -8.83 28.69 2.09
CA ALA B 25 -7.54 29.15 2.54
C ALA B 25 -7.67 30.62 2.93
N VAL B 26 -8.46 31.36 2.16
CA VAL B 26 -8.66 32.79 2.44
C VAL B 26 -9.42 32.97 3.74
N ALA B 27 -10.51 32.20 3.93
CA ALA B 27 -11.33 32.27 5.16
C ALA B 27 -10.51 32.08 6.42
N ALA B 28 -9.45 31.29 6.29
CA ALA B 28 -8.54 30.99 7.37
C ALA B 28 -7.36 31.95 7.41
N GLY B 29 -7.50 33.08 6.74
CA GLY B 29 -6.43 34.08 6.75
C GLY B 29 -5.24 33.87 5.82
N ALA B 30 -5.44 33.10 4.75
CA ALA B 30 -4.33 32.88 3.85
C ALA B 30 -4.21 34.01 2.83
N ARG B 31 -2.97 34.36 2.50
CA ARG B 31 -2.72 35.36 1.46
C ARG B 31 -2.57 34.37 0.28
N VAL B 32 -3.66 34.22 -0.48
CA VAL B 32 -3.73 33.29 -1.60
C VAL B 32 -3.35 33.86 -2.97
N VAL B 33 -2.56 33.12 -3.71
CA VAL B 33 -2.18 33.54 -5.06
C VAL B 33 -2.76 32.55 -6.07
N LEU B 34 -3.92 32.88 -6.64
CA LEU B 34 -4.53 32.01 -7.65
C LEU B 34 -3.70 32.12 -8.94
N ALA B 35 -3.35 30.97 -9.52
CA ALA B 35 -2.55 30.87 -10.73
C ALA B 35 -3.11 29.77 -11.64
N ASP B 36 -3.87 30.17 -12.65
CA ASP B 36 -4.48 29.25 -13.61
C ASP B 36 -4.09 29.74 -15.04
N VAL B 37 -4.85 29.27 -16.05
CA VAL B 37 -4.64 29.63 -17.44
C VAL B 37 -5.92 30.26 -18.03
N LEU B 38 -6.97 30.38 -17.22
CA LEU B 38 -8.23 31.00 -17.64
C LEU B 38 -8.29 32.43 -17.12
N ASP B 39 -7.31 33.24 -17.52
CA ASP B 39 -7.19 34.63 -17.11
C ASP B 39 -8.50 35.36 -16.82
N GLU B 40 -9.49 35.16 -17.68
CA GLU B 40 -10.80 35.83 -17.55
C GLU B 40 -11.63 35.41 -16.32
N GLU B 41 -11.66 34.11 -16.03
CA GLU B 41 -12.43 33.59 -14.90
C GLU B 41 -11.62 33.63 -13.61
N GLY B 42 -10.31 33.57 -13.74
CA GLY B 42 -9.43 33.61 -12.59
C GLY B 42 -9.36 35.01 -11.99
N ALA B 43 -9.73 36.00 -12.79
CA ALA B 43 -9.75 37.39 -12.35
C ALA B 43 -11.10 37.64 -11.63
N ALA B 44 -12.15 36.97 -12.10
CA ALA B 44 -13.46 37.11 -11.49
C ALA B 44 -13.38 36.58 -10.07
N THR B 45 -12.78 35.40 -9.92
CA THR B 45 -12.64 34.75 -8.62
C THR B 45 -11.74 35.50 -7.64
N ALA B 46 -10.46 35.68 -7.97
CA ALA B 46 -9.60 36.43 -7.07
C ALA B 46 -10.25 37.78 -6.72
N ARG B 47 -11.11 38.27 -7.60
CA ARG B 47 -11.82 39.54 -7.36
C ARG B 47 -12.86 39.31 -6.28
N GLU B 48 -13.54 38.16 -6.39
CA GLU B 48 -14.57 37.72 -5.46
C GLU B 48 -14.02 37.49 -4.05
N LEU B 49 -12.89 36.79 -3.95
CA LEU B 49 -12.27 36.49 -2.67
C LEU B 49 -11.67 37.72 -2.00
N GLY B 50 -11.81 38.87 -2.66
CA GLY B 50 -11.30 40.10 -2.07
C GLY B 50 -9.83 40.44 -2.16
N ASP B 51 -9.41 41.38 -1.33
CA ASP B 51 -8.03 41.86 -1.29
C ASP B 51 -7.04 40.92 -0.62
N ALA B 52 -7.44 39.68 -0.42
CA ALA B 52 -6.58 38.67 0.18
C ALA B 52 -5.93 37.83 -0.93
N ALA B 53 -6.47 37.95 -2.12
CA ALA B 53 -5.97 37.18 -3.24
C ALA B 53 -5.48 38.02 -4.45
N ARG B 54 -4.70 37.39 -5.33
CA ARG B 54 -4.19 37.99 -6.56
C ARG B 54 -4.32 36.89 -7.60
N TYR B 55 -4.19 37.26 -8.87
CA TYR B 55 -4.29 36.31 -9.98
C TYR B 55 -3.08 36.44 -10.89
N GLN B 56 -2.53 35.28 -11.25
CA GLN B 56 -1.37 35.20 -12.13
C GLN B 56 -1.58 34.13 -13.19
N HIS B 57 -1.06 34.38 -14.38
CA HIS B 57 -1.19 33.41 -15.41
C HIS B 57 -0.05 32.40 -15.26
N LEU B 58 -0.36 31.13 -15.09
CA LEU B 58 0.72 30.18 -14.94
C LEU B 58 0.54 28.98 -15.81
N ASP B 59 1.35 28.90 -16.87
CA ASP B 59 1.28 27.71 -17.70
C ASP B 59 2.24 26.78 -16.97
N VAL B 60 1.66 25.79 -16.30
CA VAL B 60 2.38 24.83 -15.48
C VAL B 60 3.58 24.13 -16.10
N THR B 61 3.56 24.02 -17.42
CA THR B 61 4.64 23.33 -18.16
C THR B 61 5.84 24.22 -18.53
N ILE B 62 5.73 25.54 -18.30
CA ILE B 62 6.78 26.50 -18.63
C ILE B 62 7.57 26.98 -17.41
N GLU B 63 8.86 26.68 -17.39
CA GLU B 63 9.71 27.03 -16.26
C GLU B 63 9.72 28.50 -15.86
N GLU B 64 9.58 29.40 -16.82
CA GLU B 64 9.56 30.80 -16.49
C GLU B 64 8.22 31.22 -15.94
N ASP B 65 7.13 30.77 -16.57
CA ASP B 65 5.77 31.09 -16.08
C ASP B 65 5.74 30.83 -14.57
N TRP B 66 6.39 29.74 -14.19
CA TRP B 66 6.54 29.30 -12.81
C TRP B 66 7.37 30.29 -11.94
N GLN B 67 8.58 30.62 -12.38
CA GLN B 67 9.44 31.55 -11.67
C GLN B 67 8.85 32.93 -11.52
N ARG B 68 8.05 33.36 -12.50
CA ARG B 68 7.44 34.68 -12.40
C ARG B 68 6.35 34.68 -11.37
N VAL B 69 5.48 33.67 -11.36
CA VAL B 69 4.38 33.60 -10.37
C VAL B 69 4.93 33.62 -8.93
N VAL B 70 6.00 32.85 -8.71
CA VAL B 70 6.63 32.81 -7.41
C VAL B 70 7.14 34.22 -7.08
N ALA B 71 7.86 34.82 -8.02
CA ALA B 71 8.45 36.17 -7.89
C ALA B 71 7.42 37.25 -7.67
N TYR B 72 6.22 37.03 -8.20
CA TYR B 72 5.18 37.97 -8.02
C TYR B 72 4.75 37.89 -6.55
N ALA B 73 4.40 36.70 -6.09
CA ALA B 73 3.97 36.47 -4.70
C ALA B 73 5.06 36.95 -3.72
N ARG B 74 6.25 36.41 -3.93
CA ARG B 74 7.42 36.73 -3.13
C ARG B 74 7.45 38.22 -2.89
N GLU B 75 7.47 39.00 -3.96
CA GLU B 75 7.51 40.46 -3.84
C GLU B 75 6.11 41.00 -3.65
N GLU B 76 5.24 40.24 -2.99
CA GLU B 76 3.88 40.70 -2.79
C GLU B 76 3.33 40.51 -1.38
N PHE B 77 3.60 39.36 -0.77
CA PHE B 77 3.08 39.09 0.58
C PHE B 77 4.18 38.81 1.60
N GLY B 78 5.39 38.55 1.12
CA GLY B 78 6.51 38.30 2.03
C GLY B 78 7.26 37.01 1.79
N SER B 79 6.51 35.95 1.49
CA SER B 79 7.11 34.64 1.24
C SER B 79 6.14 33.66 0.61
N VAL B 80 6.61 32.42 0.47
CA VAL B 80 5.80 31.35 -0.08
C VAL B 80 5.89 30.26 0.97
N ASP B 81 4.76 30.02 1.64
CA ASP B 81 4.67 29.03 2.72
C ASP B 81 4.01 27.73 2.31
N GLY B 82 2.90 27.84 1.61
CA GLY B 82 2.20 26.66 1.13
C GLY B 82 2.08 26.69 -0.38
N LEU B 83 1.81 25.53 -0.96
CA LEU B 83 1.63 25.39 -2.40
C LEU B 83 0.65 24.25 -2.67
N VAL B 84 -0.39 24.50 -3.44
CA VAL B 84 -1.34 23.44 -3.82
C VAL B 84 -1.19 23.23 -5.33
N ASN B 85 -0.64 22.10 -5.74
CA ASN B 85 -0.48 21.82 -7.15
C ASN B 85 -1.73 21.08 -7.53
N ASN B 86 -2.68 21.87 -8.04
CA ASN B 86 -3.99 21.38 -8.43
C ASN B 86 -4.28 21.28 -9.93
N ALA B 87 -3.44 21.92 -10.75
CA ALA B 87 -3.67 21.92 -12.21
C ALA B 87 -3.40 20.59 -12.88
N GLY B 88 -4.28 20.22 -13.80
CA GLY B 88 -4.15 18.98 -14.54
C GLY B 88 -5.35 18.79 -15.45
N ILE B 89 -5.32 17.73 -16.27
CA ILE B 89 -6.42 17.42 -17.18
C ILE B 89 -6.72 15.92 -17.05
N SER B 90 -7.99 15.57 -17.20
CA SER B 90 -8.36 14.16 -17.03
C SER B 90 -8.25 13.28 -18.28
N THR B 91 -8.58 12.00 -18.12
CA THR B 91 -8.52 11.05 -19.23
C THR B 91 -9.60 9.99 -19.03
N GLY B 92 -10.46 9.86 -20.03
CA GLY B 92 -11.52 8.90 -19.96
C GLY B 92 -11.51 8.08 -21.23
N MET B 93 -10.67 7.04 -21.27
CA MET B 93 -10.55 6.13 -22.39
C MET B 93 -9.63 4.95 -22.10
N PHE B 94 -9.92 3.81 -22.73
CA PHE B 94 -9.09 2.63 -22.59
C PHE B 94 -7.73 2.99 -23.14
N LEU B 95 -6.71 2.34 -22.60
CA LEU B 95 -5.34 2.56 -22.98
C LEU B 95 -5.12 2.36 -24.46
N GLU B 96 -5.61 1.25 -25.00
CA GLU B 96 -5.45 0.98 -26.42
C GLU B 96 -5.90 2.18 -27.25
N THR B 97 -6.83 2.96 -26.74
CA THR B 97 -7.32 4.13 -27.45
C THR B 97 -6.46 5.38 -27.38
N GLU B 98 -5.86 5.66 -26.23
CA GLU B 98 -5.06 6.88 -26.12
C GLU B 98 -3.83 6.92 -27.03
N SER B 99 -3.67 8.03 -27.75
CA SER B 99 -2.54 8.17 -28.63
C SER B 99 -1.31 8.47 -27.80
N VAL B 100 -0.14 8.09 -28.29
CA VAL B 100 1.06 8.39 -27.51
C VAL B 100 1.26 9.89 -27.36
N GLU B 101 0.58 10.69 -28.19
CA GLU B 101 0.71 12.15 -28.16
C GLU B 101 -0.11 12.79 -27.07
N ARG B 102 -1.31 12.23 -26.86
CA ARG B 102 -2.18 12.72 -25.81
C ARG B 102 -1.50 12.23 -24.54
N PHE B 103 -0.97 11.01 -24.59
CA PHE B 103 -0.30 10.46 -23.42
C PHE B 103 0.77 11.43 -22.92
N ARG B 104 1.69 11.80 -23.80
CA ARG B 104 2.74 12.76 -23.43
C ARG B 104 2.16 14.10 -22.96
N LYS B 105 1.12 14.55 -23.64
CA LYS B 105 0.48 15.81 -23.32
C LYS B 105 -0.01 15.79 -21.88
N VAL B 106 -0.90 14.86 -21.55
CA VAL B 106 -1.44 14.84 -20.18
C VAL B 106 -0.35 14.70 -19.09
N VAL B 107 0.54 13.72 -19.25
CA VAL B 107 1.63 13.47 -18.30
C VAL B 107 2.48 14.71 -18.06
N GLU B 108 2.72 15.47 -19.13
CA GLU B 108 3.49 16.71 -19.11
C GLU B 108 2.82 17.78 -18.23
N ILE B 109 1.49 17.82 -18.30
CA ILE B 109 0.69 18.78 -17.52
C ILE B 109 0.51 18.30 -16.09
N ASN B 110 0.26 17.00 -15.89
CA ASN B 110 0.04 16.45 -14.56
C ASN B 110 1.26 16.16 -13.73
N LEU B 111 2.24 15.44 -14.28
CA LEU B 111 3.45 15.11 -13.50
C LEU B 111 4.49 16.23 -13.52
N THR B 112 5.22 16.37 -14.62
CA THR B 112 6.21 17.41 -14.74
C THR B 112 5.65 18.72 -14.25
N GLY B 113 4.45 19.06 -14.67
CA GLY B 113 3.84 20.31 -14.21
C GLY B 113 4.06 20.50 -12.71
N VAL B 114 3.71 19.49 -11.90
CA VAL B 114 3.90 19.61 -10.43
C VAL B 114 5.37 19.61 -10.03
N PHE B 115 6.22 18.95 -10.81
CA PHE B 115 7.65 18.88 -10.53
C PHE B 115 8.31 20.25 -10.64
N ILE B 116 7.97 20.95 -11.71
CA ILE B 116 8.51 22.28 -11.97
C ILE B 116 8.11 23.17 -10.80
N GLY B 117 6.91 22.95 -10.27
CA GLY B 117 6.43 23.72 -9.14
C GLY B 117 7.24 23.43 -7.88
N MET B 118 7.53 22.14 -7.65
CA MET B 118 8.30 21.70 -6.49
C MET B 118 9.69 22.35 -6.45
N LYS B 119 10.51 22.12 -7.46
CA LYS B 119 11.84 22.73 -7.44
C LYS B 119 11.85 24.25 -7.61
N THR B 120 10.83 24.83 -8.21
CA THR B 120 10.81 26.28 -8.39
C THR B 120 10.50 26.96 -7.07
N VAL B 121 9.41 26.52 -6.44
CA VAL B 121 8.95 27.10 -5.19
C VAL B 121 9.77 26.73 -3.95
N ILE B 122 10.64 25.74 -4.09
CA ILE B 122 11.47 25.29 -2.99
C ILE B 122 12.35 26.39 -2.39
N PRO B 123 13.26 26.98 -3.18
CA PRO B 123 14.08 28.03 -2.59
C PRO B 123 13.27 29.14 -1.91
N ALA B 124 12.03 29.32 -2.34
CA ALA B 124 11.16 30.36 -1.77
C ALA B 124 10.74 29.97 -0.35
N MET B 125 10.55 28.67 -0.17
CA MET B 125 10.16 28.13 1.12
C MET B 125 11.34 27.96 2.04
N LYS B 126 12.52 27.73 1.50
CA LYS B 126 13.68 27.62 2.36
C LYS B 126 13.84 28.98 3.06
N ASP B 127 13.86 30.06 2.28
CA ASP B 127 14.01 31.43 2.79
C ASP B 127 12.80 31.93 3.60
N ALA B 128 11.78 31.07 3.72
CA ALA B 128 10.56 31.41 4.49
C ALA B 128 10.57 30.64 5.80
N GLY B 129 11.56 29.74 5.94
CA GLY B 129 11.70 28.91 7.12
C GLY B 129 11.02 27.57 6.96
N GLY B 130 10.73 27.19 5.71
CA GLY B 130 10.06 25.94 5.42
C GLY B 130 8.61 26.14 4.99
N GLY B 131 7.84 25.05 4.92
CA GLY B 131 6.45 25.13 4.53
C GLY B 131 5.85 23.83 4.03
N SER B 132 4.70 23.92 3.37
CA SER B 132 4.09 22.70 2.89
C SER B 132 3.63 22.64 1.43
N ILE B 133 3.96 21.52 0.81
CA ILE B 133 3.60 21.23 -0.57
C ILE B 133 2.42 20.25 -0.54
N VAL B 134 1.29 20.66 -1.09
CA VAL B 134 0.14 19.78 -1.15
C VAL B 134 -0.18 19.44 -2.61
N ASN B 135 0.20 18.24 -3.01
CA ASN B 135 -0.02 17.74 -4.37
C ASN B 135 -1.37 17.07 -4.51
N ILE B 136 -2.27 17.63 -5.30
CA ILE B 136 -3.58 17.00 -5.47
C ILE B 136 -3.36 15.80 -6.39
N SER B 137 -3.96 14.66 -6.05
CA SER B 137 -3.81 13.44 -6.85
C SER B 137 -5.26 12.96 -6.92
N SER B 138 -5.51 11.66 -6.86
CA SER B 138 -6.90 11.18 -6.85
C SER B 138 -6.90 9.70 -6.67
N ALA B 139 -8.10 9.12 -6.53
CA ALA B 139 -8.28 7.68 -6.35
C ALA B 139 -7.57 6.93 -7.45
N ALA B 140 -7.37 7.64 -8.57
CA ALA B 140 -6.68 7.11 -9.73
C ALA B 140 -5.19 6.81 -9.44
N GLY B 141 -4.62 7.52 -8.45
CA GLY B 141 -3.24 7.29 -8.04
C GLY B 141 -3.12 6.33 -6.85
N LEU B 142 -4.28 5.90 -6.32
CA LEU B 142 -4.32 4.99 -5.17
C LEU B 142 -4.64 3.53 -5.48
N MET B 143 -5.11 3.25 -6.69
CA MET B 143 -5.42 1.88 -7.09
C MET B 143 -5.44 1.88 -8.60
N GLY B 144 -5.59 0.71 -9.19
CA GLY B 144 -5.67 0.65 -10.63
C GLY B 144 -7.08 1.05 -11.04
N LEU B 145 -7.25 2.26 -11.57
CA LEU B 145 -8.60 2.72 -12.00
C LEU B 145 -8.72 2.58 -13.57
N ALA B 146 -9.64 1.77 -14.04
CA ALA B 146 -9.80 1.60 -15.50
C ALA B 146 -10.35 2.85 -16.20
N LEU B 147 -9.91 3.05 -17.44
CA LEU B 147 -10.29 4.16 -18.31
C LEU B 147 -9.69 5.52 -18.00
N THR B 148 -8.43 5.55 -17.52
CA THR B 148 -7.76 6.81 -17.16
C THR B 148 -6.38 6.95 -17.80
N SER B 149 -5.85 5.83 -18.27
CA SER B 149 -4.54 5.75 -18.94
C SER B 149 -3.47 6.72 -18.45
N SER B 150 -3.31 7.84 -19.15
CA SER B 150 -2.28 8.84 -18.84
C SER B 150 -2.52 9.54 -17.54
N TYR B 151 -3.80 9.70 -17.19
CA TYR B 151 -4.16 10.38 -15.94
C TYR B 151 -3.87 9.48 -14.75
N GLY B 152 -4.13 8.17 -14.92
CA GLY B 152 -3.88 7.18 -13.89
C GLY B 152 -2.39 7.15 -13.68
N ALA B 153 -1.66 7.06 -14.81
CA ALA B 153 -0.20 7.05 -14.90
C ALA B 153 0.50 8.27 -14.26
N SER B 154 0.02 9.48 -14.53
CA SER B 154 0.65 10.66 -13.96
C SER B 154 0.25 10.80 -12.48
N LYS B 155 -1.00 10.41 -12.18
CA LYS B 155 -1.49 10.48 -10.80
C LYS B 155 -0.73 9.56 -9.89
N TRP B 156 -0.31 8.38 -10.37
CA TRP B 156 0.51 7.53 -9.52
C TRP B 156 1.86 8.18 -9.39
N GLY B 157 2.32 8.81 -10.47
CA GLY B 157 3.60 9.50 -10.48
C GLY B 157 3.67 10.65 -9.48
N VAL B 158 2.63 11.47 -9.36
CA VAL B 158 2.62 12.57 -8.38
C VAL B 158 2.58 12.02 -6.93
N ARG B 159 2.14 10.77 -6.78
CA ARG B 159 2.12 10.14 -5.48
C ARG B 159 3.55 9.79 -5.10
N GLY B 160 4.23 9.02 -5.95
CA GLY B 160 5.60 8.62 -5.66
C GLY B 160 6.59 9.75 -5.55
N LEU B 161 6.27 10.87 -6.18
CA LEU B 161 7.14 12.02 -6.16
C LEU B 161 7.02 12.78 -4.87
N SER B 162 5.81 12.80 -4.34
CA SER B 162 5.54 13.48 -3.08
C SER B 162 6.43 12.86 -2.00
N LYS B 163 6.34 11.55 -1.87
CA LYS B 163 7.11 10.78 -0.90
C LYS B 163 8.61 10.94 -1.03
N LEU B 164 9.15 10.85 -2.23
CA LEU B 164 10.60 10.98 -2.34
C LEU B 164 10.99 12.40 -2.02
N ALA B 165 10.15 13.35 -2.40
CA ALA B 165 10.48 14.71 -2.09
C ALA B 165 10.41 14.92 -0.58
N ALA B 166 9.47 14.22 0.08
CA ALA B 166 9.27 14.29 1.52
C ALA B 166 10.53 13.92 2.28
N VAL B 167 11.03 12.70 2.08
CA VAL B 167 12.25 12.34 2.79
C VAL B 167 13.44 13.26 2.50
N GLU B 168 13.51 13.86 1.31
CA GLU B 168 14.64 14.76 0.99
C GLU B 168 14.49 16.12 1.68
N LEU B 169 13.27 16.64 1.68
CA LEU B 169 12.99 17.95 2.23
C LEU B 169 12.69 18.12 3.72
N GLY B 170 12.49 17.02 4.45
CA GLY B 170 12.14 17.10 5.87
C GLY B 170 12.88 18.11 6.75
N THR B 171 14.21 18.06 6.70
CA THR B 171 15.05 18.93 7.52
C THR B 171 15.00 20.44 7.30
N ASP B 172 14.47 20.88 6.17
CA ASP B 172 14.39 22.31 5.93
C ASP B 172 13.00 22.81 6.27
N ARG B 173 12.26 21.96 6.96
CA ARG B 173 10.91 22.26 7.41
C ARG B 173 9.86 22.27 6.31
N ILE B 174 10.07 21.45 5.28
CA ILE B 174 9.15 21.38 4.14
C ILE B 174 8.43 20.05 4.13
N ARG B 175 7.12 20.10 4.33
CA ARG B 175 6.29 18.91 4.34
C ARG B 175 5.60 18.67 2.98
N VAL B 176 5.78 17.47 2.43
CA VAL B 176 5.19 17.10 1.17
C VAL B 176 4.20 15.93 1.36
N ASN B 177 2.94 16.16 0.99
CA ASN B 177 1.89 15.15 1.09
C ASN B 177 1.00 15.26 -0.14
N SER B 178 0.28 14.18 -0.45
CA SER B 178 -0.65 14.16 -1.57
C SER B 178 -2.09 13.84 -1.10
N VAL B 179 -3.05 14.68 -1.47
CA VAL B 179 -4.47 14.49 -1.14
C VAL B 179 -4.96 13.58 -2.24
N HIS B 180 -5.96 12.76 -1.97
CA HIS B 180 -6.43 11.85 -3.01
C HIS B 180 -7.97 11.81 -3.11
N PRO B 181 -8.58 12.92 -3.58
CA PRO B 181 -10.02 13.08 -3.76
C PRO B 181 -10.65 12.06 -4.72
N GLY B 182 -11.81 11.53 -4.35
CA GLY B 182 -12.49 10.58 -5.23
C GLY B 182 -13.41 11.32 -6.17
N MET B 183 -14.51 10.69 -6.58
CA MET B 183 -15.48 11.32 -7.48
C MET B 183 -16.07 12.50 -6.78
N THR B 184 -15.71 13.69 -7.23
CA THR B 184 -16.16 14.94 -6.67
C THR B 184 -16.95 15.67 -7.74
N TYR B 185 -17.96 16.42 -7.32
CA TYR B 185 -18.82 17.18 -8.22
C TYR B 185 -18.26 18.57 -8.51
N THR B 186 -17.42 18.62 -9.54
CA THR B 186 -16.78 19.84 -10.02
C THR B 186 -17.42 20.19 -11.36
N PRO B 187 -16.86 21.19 -12.08
CA PRO B 187 -17.48 21.53 -13.38
C PRO B 187 -17.43 20.41 -14.43
N MET B 188 -16.21 19.95 -14.73
CA MET B 188 -16.02 18.91 -15.72
C MET B 188 -16.80 17.64 -15.42
N THR B 189 -16.97 17.33 -14.14
CA THR B 189 -17.64 16.10 -13.80
C THR B 189 -19.16 16.09 -13.89
N ALA B 190 -19.81 17.24 -13.79
CA ALA B 190 -21.27 17.29 -13.89
C ALA B 190 -21.74 16.84 -15.29
N GLU B 191 -20.91 17.06 -16.31
CA GLU B 191 -21.23 16.66 -17.68
C GLU B 191 -21.32 15.14 -17.92
N THR B 192 -20.69 14.36 -17.04
CA THR B 192 -20.68 12.92 -17.18
C THR B 192 -22.03 12.24 -16.96
N GLY B 193 -22.76 12.74 -15.98
CA GLY B 193 -24.04 12.17 -15.60
C GLY B 193 -24.03 12.02 -14.08
N ILE B 194 -23.00 12.63 -13.48
CA ILE B 194 -22.76 12.60 -12.04
C ILE B 194 -23.77 13.50 -11.34
N ARG B 195 -24.57 12.87 -10.49
CA ARG B 195 -25.61 13.55 -9.74
C ARG B 195 -25.21 13.65 -8.27
N GLN B 196 -25.21 14.87 -7.74
CA GLN B 196 -24.86 15.08 -6.35
C GLN B 196 -26.02 14.72 -5.44
N GLY B 197 -25.71 14.29 -4.22
CA GLY B 197 -26.77 13.93 -3.30
C GLY B 197 -26.59 12.51 -2.79
N GLU B 198 -27.27 12.20 -1.69
CA GLU B 198 -27.19 10.88 -1.07
C GLU B 198 -27.98 9.80 -1.80
N GLY B 199 -27.32 8.68 -2.09
CA GLY B 199 -27.95 7.57 -2.81
C GLY B 199 -27.53 7.56 -4.29
N ASN B 200 -27.20 8.75 -4.78
CA ASN B 200 -26.81 8.99 -6.16
C ASN B 200 -25.58 8.27 -6.74
N TYR B 201 -24.55 8.00 -5.93
CA TYR B 201 -23.37 7.28 -6.44
C TYR B 201 -23.11 5.99 -5.64
N PRO B 202 -23.92 4.95 -5.88
CA PRO B 202 -23.88 3.62 -5.25
C PRO B 202 -22.58 2.84 -5.23
N ASN B 203 -21.64 3.16 -6.11
CA ASN B 203 -20.38 2.41 -6.18
C ASN B 203 -19.21 2.88 -5.33
N THR B 204 -19.53 3.62 -4.28
CA THR B 204 -18.57 4.13 -3.31
C THR B 204 -19.38 3.84 -2.05
N PRO B 205 -18.75 3.26 -1.00
CA PRO B 205 -19.43 2.94 0.27
C PRO B 205 -20.30 4.03 0.85
N MET B 206 -19.93 5.29 0.63
CA MET B 206 -20.77 6.37 1.14
C MET B 206 -22.05 6.60 0.31
N GLY B 207 -22.10 5.97 -0.88
CA GLY B 207 -23.24 6.06 -1.78
C GLY B 207 -23.49 7.45 -2.38
N ARG B 208 -22.48 8.31 -2.30
CA ARG B 208 -22.60 9.65 -2.81
C ARG B 208 -21.24 10.15 -3.25
N VAL B 209 -21.25 11.30 -3.91
CA VAL B 209 -20.08 11.94 -4.47
C VAL B 209 -19.76 13.06 -3.53
N GLY B 210 -18.62 13.71 -3.72
CA GLY B 210 -18.24 14.78 -2.84
C GLY B 210 -18.27 16.14 -3.45
N GLU B 212 -18.77 17.12 -2.70
CA GLU B 212 -18.81 18.49 -3.17
C GLU B 212 -17.37 18.92 -2.92
N PRO B 213 -16.88 19.91 -3.67
CA PRO B 213 -15.51 20.37 -3.50
C PRO B 213 -15.10 20.88 -2.10
N GLY B 214 -16.07 21.36 -1.31
CA GLY B 214 -15.79 21.91 0.02
C GLY B 214 -15.15 20.95 0.99
N GLU B 215 -15.49 19.67 0.85
CA GLU B 215 -15.01 18.55 1.66
C GLU B 215 -13.56 18.18 1.32
N ILE B 216 -13.18 18.39 0.06
CA ILE B 216 -11.84 18.08 -0.43
C ILE B 216 -11.00 19.26 0.02
N ALA B 217 -11.55 20.47 -0.04
CA ALA B 217 -10.79 21.67 0.37
C ALA B 217 -10.24 21.60 1.80
N GLY B 218 -11.09 21.18 2.74
CA GLY B 218 -10.71 21.05 4.14
C GLY B 218 -9.42 20.27 4.31
N ALA B 219 -9.21 19.23 3.51
CA ALA B 219 -7.96 18.44 3.65
C ALA B 219 -6.77 19.30 3.27
N VAL B 220 -6.91 20.07 2.19
CA VAL B 220 -5.84 20.94 1.68
C VAL B 220 -5.38 21.84 2.80
N VAL B 221 -6.33 22.56 3.37
CA VAL B 221 -6.09 23.51 4.45
C VAL B 221 -5.47 22.87 5.68
N LYS B 222 -6.05 21.76 6.14
CA LYS B 222 -5.51 21.07 7.32
C LYS B 222 -4.04 20.77 7.12
N LEU B 223 -3.70 20.30 5.93
CA LEU B 223 -2.33 19.98 5.58
C LEU B 223 -1.54 21.23 5.35
N LEU B 224 -2.20 22.36 5.09
CA LEU B 224 -1.47 23.62 4.91
C LEU B 224 -1.20 24.30 6.26
N SER B 225 -2.08 24.06 7.23
CA SER B 225 -1.92 24.66 8.55
C SER B 225 -0.78 24.04 9.33
N ASP B 226 -0.49 24.64 10.47
CA ASP B 226 0.60 24.17 11.30
C ASP B 226 0.16 23.03 12.19
N THR B 227 -1.15 22.78 12.20
CA THR B 227 -1.82 21.73 12.95
C THR B 227 -1.32 20.35 12.51
N SER B 228 -0.72 20.29 11.32
CA SER B 228 -0.19 19.05 10.74
C SER B 228 1.33 19.08 10.68
N SER B 229 1.94 19.87 11.55
CA SER B 229 3.38 20.03 11.58
C SER B 229 4.20 18.76 11.57
N TYR B 230 3.62 17.63 11.99
CA TYR B 230 4.38 16.38 11.98
C TYR B 230 4.05 15.42 10.80
N VAL B 231 3.20 15.88 9.88
CA VAL B 231 2.75 15.09 8.72
C VAL B 231 3.66 15.30 7.50
N THR B 232 4.27 14.23 6.99
CA THR B 232 5.16 14.31 5.80
C THR B 232 5.21 12.94 5.08
N GLY B 233 5.22 12.96 3.74
CA GLY B 233 5.22 11.74 2.96
C GLY B 233 3.90 11.01 3.16
N ALA B 234 2.89 11.74 3.59
CA ALA B 234 1.60 11.13 3.84
C ALA B 234 0.67 11.21 2.62
N GLU B 235 -0.39 10.43 2.63
CA GLU B 235 -1.36 10.43 1.53
C GLU B 235 -2.78 10.29 2.06
N LEU B 236 -3.56 11.36 1.95
CA LEU B 236 -4.91 11.33 2.44
C LEU B 236 -6.01 11.15 1.42
N ALA B 237 -6.62 9.97 1.43
CA ALA B 237 -7.76 9.68 0.55
C ALA B 237 -8.97 10.51 0.98
N VAL B 238 -9.67 11.11 0.02
CA VAL B 238 -10.87 11.92 0.30
C VAL B 238 -11.88 11.60 -0.80
N ASP B 239 -12.39 10.35 -0.71
CA ASP B 239 -13.29 9.74 -1.67
C ASP B 239 -14.51 8.99 -1.13
N GLY B 240 -14.86 9.15 0.13
CA GLY B 240 -16.02 8.44 0.63
C GLY B 240 -15.88 6.92 0.74
N GLY B 241 -14.64 6.46 0.82
CA GLY B 241 -14.35 5.05 0.94
C GLY B 241 -14.02 4.38 -0.37
N TRP B 242 -14.17 5.11 -1.49
CA TRP B 242 -13.94 4.54 -2.83
C TRP B 242 -12.72 3.63 -3.03
N THR B 243 -11.57 3.96 -2.46
CA THR B 243 -10.39 3.12 -2.68
C THR B 243 -10.02 2.21 -1.55
N THR B 244 -10.91 2.08 -0.58
CA THR B 244 -10.68 1.21 0.56
C THR B 244 -11.06 -0.20 0.23
N GLY B 245 -12.20 -0.35 -0.41
CA GLY B 245 -12.61 -1.68 -0.75
C GLY B 245 -13.92 -1.66 -1.48
N PRO B 246 -14.30 -2.80 -2.08
CA PRO B 246 -15.56 -2.88 -2.81
C PRO B 246 -16.75 -2.78 -1.88
N THR B 247 -17.81 -2.24 -2.45
CA THR B 247 -19.11 -2.06 -1.87
C THR B 247 -19.63 -3.47 -1.50
N VAL B 248 -20.41 -3.59 -0.42
CA VAL B 248 -20.92 -4.87 0.05
C VAL B 248 -21.66 -5.60 -1.04
N LYS B 249 -22.36 -4.80 -1.84
CA LYS B 249 -23.14 -5.27 -2.96
C LYS B 249 -22.18 -5.93 -3.96
N TYR B 250 -21.04 -5.29 -4.19
CA TYR B 250 -20.08 -5.85 -5.12
C TYR B 250 -19.48 -7.12 -4.52
N VAL B 251 -19.13 -7.05 -3.22
CA VAL B 251 -18.55 -8.19 -2.51
C VAL B 251 -19.42 -9.45 -2.61
N MET B 252 -20.73 -9.27 -2.58
CA MET B 252 -21.63 -10.39 -2.71
C MET B 252 -21.98 -10.78 -4.14
N GLY B 253 -21.55 -9.98 -5.12
CA GLY B 253 -21.86 -10.27 -6.51
C GLY B 253 -23.20 -9.71 -7.00
N GLN B 254 -23.74 -8.72 -6.29
CA GLN B 254 -25.01 -8.03 -6.58
C GLN B 254 -26.33 -8.70 -6.09
N ASN C 1 -15.00 23.99 11.06
CA ASN C 1 -13.77 23.20 10.79
C ASN C 1 -13.40 22.28 11.96
N ASP C 2 -12.24 22.50 12.59
CA ASP C 2 -11.80 21.71 13.74
C ASP C 2 -12.43 22.21 15.04
N LEU C 3 -13.75 22.08 15.10
CA LEU C 3 -14.56 22.48 16.24
C LEU C 3 -15.66 21.45 16.44
N SER C 4 -15.63 20.80 17.59
CA SER C 4 -16.61 19.80 17.95
C SER C 4 -17.74 20.46 18.80
N GLY C 5 -18.93 19.89 18.72
CA GLY C 5 -20.08 20.35 19.49
C GLY C 5 -20.78 19.04 19.86
N LYS C 6 -20.01 17.97 19.73
CA LYS C 6 -20.42 16.59 19.93
C LYS C 6 -19.71 15.90 21.09
N THR C 7 -20.26 14.77 21.54
CA THR C 7 -19.67 14.03 22.65
C THR C 7 -18.81 12.84 22.20
N VAL C 8 -17.55 12.78 22.67
CA VAL C 8 -16.67 11.71 22.25
C VAL C 8 -15.95 10.92 23.33
N ILE C 9 -16.06 9.60 23.26
CA ILE C 9 -15.37 8.76 24.23
C ILE C 9 -14.00 8.32 23.70
N ILE C 10 -12.97 8.76 24.41
CA ILE C 10 -11.58 8.44 24.13
C ILE C 10 -11.19 7.33 25.13
N THR C 11 -10.40 6.38 24.66
CA THR C 11 -9.95 5.25 25.49
C THR C 11 -8.45 5.42 25.75
N GLY C 12 -8.00 5.03 26.95
CA GLY C 12 -6.58 5.20 27.30
C GLY C 12 -6.35 6.68 27.50
N GLY C 13 -7.38 7.31 28.02
CA GLY C 13 -7.35 8.74 28.24
C GLY C 13 -6.81 9.20 29.56
N ALA C 14 -6.30 8.29 30.39
CA ALA C 14 -5.75 8.69 31.69
C ALA C 14 -4.41 9.35 31.45
N ARG C 15 -3.64 8.79 30.52
CA ARG C 15 -2.34 9.37 30.21
C ARG C 15 -1.81 9.16 28.77
N GLY C 16 -1.22 10.22 28.21
CA GLY C 16 -0.63 10.13 26.88
C GLY C 16 -1.43 10.70 25.71
N LEU C 17 -1.47 9.95 24.62
CA LEU C 17 -2.19 10.39 23.44
C LEU C 17 -3.63 10.65 23.82
N GLY C 18 -4.23 9.72 24.57
CA GLY C 18 -5.62 9.88 25.00
C GLY C 18 -5.80 11.18 25.75
N ALA C 19 -4.87 11.48 26.65
CA ALA C 19 -4.87 12.71 27.46
C ALA C 19 -4.79 13.98 26.56
N GLU C 20 -3.89 13.98 25.60
CA GLU C 20 -3.74 15.13 24.71
C GLU C 20 -4.98 15.39 23.81
N ALA C 21 -5.37 14.35 23.09
CA ALA C 21 -6.53 14.44 22.22
C ALA C 21 -7.74 14.87 23.08
N ALA C 22 -7.77 14.44 24.34
CA ALA C 22 -8.86 14.81 25.26
C ALA C 22 -8.90 16.32 25.45
N ARG C 23 -7.75 16.90 25.77
CA ARG C 23 -7.68 18.34 26.00
C ARG C 23 -8.23 19.06 24.79
N GLN C 24 -7.53 18.89 23.67
CA GLN C 24 -7.87 19.50 22.37
C GLN C 24 -9.32 19.30 21.92
N ALA C 25 -9.85 18.09 22.11
CA ALA C 25 -11.23 17.79 21.75
C ALA C 25 -12.13 18.65 22.60
N VAL C 26 -11.84 18.67 23.90
CA VAL C 26 -12.63 19.46 24.82
C VAL C 26 -12.47 20.92 24.41
N ALA C 27 -11.23 21.29 24.05
CA ALA C 27 -10.87 22.64 23.61
C ALA C 27 -11.61 23.06 22.35
N ALA C 28 -12.10 22.07 21.59
CA ALA C 28 -12.87 22.34 20.41
C ALA C 28 -14.34 22.06 20.70
N GLY C 29 -14.77 22.22 21.96
CA GLY C 29 -16.17 22.01 22.31
C GLY C 29 -16.72 20.60 22.45
N ALA C 30 -15.84 19.60 22.54
CA ALA C 30 -16.32 18.24 22.70
C ALA C 30 -16.50 17.88 24.17
N ARG C 31 -17.61 17.23 24.46
CA ARG C 31 -17.87 16.75 25.80
C ARG C 31 -17.20 15.41 25.67
N VAL C 32 -16.13 15.22 26.43
CA VAL C 32 -15.37 14.00 26.34
C VAL C 32 -15.55 13.06 27.54
N VAL C 33 -15.38 11.78 27.29
CA VAL C 33 -15.46 10.74 28.30
C VAL C 33 -14.16 9.98 28.18
N LEU C 34 -13.35 10.08 29.24
CA LEU C 34 -12.09 9.38 29.30
C LEU C 34 -12.36 8.01 29.88
N ALA C 35 -11.79 6.99 29.26
CA ALA C 35 -11.93 5.61 29.73
C ALA C 35 -10.52 5.12 29.98
N ASP C 36 -10.31 4.48 31.13
CA ASP C 36 -9.00 3.91 31.43
C ASP C 36 -9.10 2.89 32.56
N VAL C 37 -8.00 2.17 32.75
CA VAL C 37 -7.85 1.14 33.79
C VAL C 37 -7.14 1.79 34.99
N LEU C 38 -6.76 3.06 34.79
CA LEU C 38 -6.10 3.86 35.81
C LEU C 38 -7.17 4.76 36.47
N ASP C 39 -7.96 4.20 37.39
CA ASP C 39 -9.03 4.93 38.10
C ASP C 39 -8.58 6.22 38.79
N GLU C 40 -7.29 6.27 39.14
CA GLU C 40 -6.68 7.39 39.86
C GLU C 40 -6.20 8.57 39.03
N GLU C 41 -5.52 8.27 37.92
CA GLU C 41 -4.97 9.30 37.05
C GLU C 41 -6.03 9.99 36.16
N GLY C 42 -6.94 9.21 35.59
CA GLY C 42 -7.97 9.78 34.73
C GLY C 42 -8.95 10.72 35.41
N ALA C 43 -9.29 10.41 36.66
CA ALA C 43 -10.19 11.22 37.48
C ALA C 43 -9.52 12.57 37.71
N ALA C 44 -8.19 12.55 37.69
CA ALA C 44 -7.40 13.75 37.87
C ALA C 44 -7.48 14.55 36.58
N THR C 45 -7.09 13.89 35.51
CA THR C 45 -7.10 14.46 34.16
C THR C 45 -8.47 15.06 33.82
N ALA C 46 -9.53 14.33 34.16
CA ALA C 46 -10.89 14.77 33.93
C ALA C 46 -11.21 16.06 34.70
N ARG C 47 -10.79 16.14 35.96
CA ARG C 47 -11.04 17.34 36.76
C ARG C 47 -10.40 18.57 36.08
N GLU C 48 -9.33 18.33 35.32
CA GLU C 48 -8.65 19.40 34.59
C GLU C 48 -9.45 20.04 33.46
N LEU C 49 -10.02 19.22 32.58
CA LEU C 49 -10.81 19.71 31.44
C LEU C 49 -12.10 20.42 31.89
N GLY C 50 -12.54 20.15 33.12
CA GLY C 50 -13.74 20.80 33.61
C GLY C 50 -15.02 19.97 33.64
N ASP C 51 -16.12 20.65 33.31
CA ASP C 51 -17.44 20.05 33.31
C ASP C 51 -17.89 19.53 31.94
N ALA C 52 -16.89 19.28 31.09
CA ALA C 52 -17.15 18.78 29.76
C ALA C 52 -16.40 17.47 29.63
N ALA C 53 -15.71 17.08 30.71
CA ALA C 53 -14.96 15.83 30.75
C ALA C 53 -15.62 14.87 31.74
N ARG C 54 -15.29 13.59 31.65
CA ARG C 54 -15.83 12.57 32.53
C ARG C 54 -14.95 11.34 32.42
N TYR C 55 -14.53 10.77 33.56
CA TYR C 55 -13.71 9.53 33.58
C TYR C 55 -14.58 8.30 33.93
N GLN C 56 -14.17 7.13 33.42
CA GLN C 56 -14.86 5.84 33.64
C GLN C 56 -13.80 4.76 33.66
N HIS C 57 -13.98 3.72 34.46
CA HIS C 57 -12.99 2.65 34.46
C HIS C 57 -13.42 1.61 33.47
N LEU C 58 -12.65 1.46 32.41
CA LEU C 58 -12.99 0.49 31.38
C LEU C 58 -11.84 -0.47 31.08
N ASP C 59 -12.18 -1.73 30.89
CA ASP C 59 -11.21 -2.72 30.50
C ASP C 59 -11.68 -3.09 29.11
N VAL C 60 -10.92 -2.67 28.10
CA VAL C 60 -11.19 -2.93 26.68
C VAL C 60 -11.50 -4.40 26.32
N THR C 61 -10.93 -5.35 27.04
CA THR C 61 -11.15 -6.76 26.76
C THR C 61 -12.43 -7.32 27.40
N ILE C 62 -13.19 -6.44 28.09
CA ILE C 62 -14.43 -6.79 28.80
C ILE C 62 -15.58 -6.11 28.09
N GLU C 63 -16.40 -6.88 27.39
CA GLU C 63 -17.52 -6.30 26.66
C GLU C 63 -18.50 -5.62 27.61
N GLU C 64 -18.66 -6.21 28.80
CA GLU C 64 -19.58 -5.64 29.80
C GLU C 64 -19.12 -4.25 30.20
N ASP C 65 -17.80 -4.07 30.32
CA ASP C 65 -17.25 -2.77 30.66
C ASP C 65 -17.70 -1.82 29.55
N TRP C 66 -17.47 -2.23 28.31
CA TRP C 66 -17.84 -1.46 27.12
C TRP C 66 -19.31 -0.97 27.07
N GLN C 67 -20.25 -1.91 27.20
CA GLN C 67 -21.67 -1.61 27.17
C GLN C 67 -22.08 -0.66 28.27
N ARG C 68 -21.28 -0.61 29.33
CA ARG C 68 -21.57 0.23 30.47
C ARG C 68 -21.18 1.66 30.20
N VAL C 69 -19.94 1.87 29.83
CA VAL C 69 -19.43 3.22 29.55
C VAL C 69 -20.20 3.89 28.41
N VAL C 70 -20.54 3.12 27.38
CA VAL C 70 -21.28 3.64 26.22
C VAL C 70 -22.68 4.10 26.65
N ALA C 71 -23.22 3.40 27.65
CA ALA C 71 -24.53 3.70 28.21
C ALA C 71 -24.41 4.99 29.04
N TYR C 72 -23.34 5.07 29.83
CA TYR C 72 -23.06 6.24 30.66
C TYR C 72 -22.90 7.52 29.81
N ALA C 73 -22.18 7.40 28.70
CA ALA C 73 -21.94 8.51 27.79
C ALA C 73 -23.26 9.05 27.29
N ARG C 74 -24.09 8.15 26.79
CA ARG C 74 -25.39 8.59 26.33
C ARG C 74 -26.28 8.98 27.51
N GLU C 75 -25.82 8.77 28.74
CA GLU C 75 -26.64 9.13 29.89
C GLU C 75 -26.37 10.52 30.38
N GLU C 76 -25.09 10.81 30.57
CA GLU C 76 -24.66 12.13 31.01
C GLU C 76 -24.76 13.08 29.84
N PHE C 77 -24.43 12.57 28.67
CA PHE C 77 -24.44 13.40 27.49
C PHE C 77 -25.54 13.18 26.42
N GLY C 78 -26.20 12.04 26.44
CA GLY C 78 -27.25 11.83 25.48
C GLY C 78 -26.96 11.17 24.13
N SER C 79 -25.72 11.22 23.65
CA SER C 79 -25.36 10.62 22.35
C SER C 79 -23.90 10.22 22.35
N VAL C 80 -23.53 9.46 21.34
CA VAL C 80 -22.17 9.02 21.19
C VAL C 80 -21.81 9.31 19.74
N ASP C 81 -20.96 10.31 19.56
CA ASP C 81 -20.56 10.78 18.26
C ASP C 81 -19.26 10.25 17.75
N GLY C 82 -18.23 10.25 18.58
CA GLY C 82 -16.96 9.74 18.17
C GLY C 82 -16.47 8.68 19.14
N LEU C 83 -15.37 8.08 18.79
CA LEU C 83 -14.72 7.06 19.60
C LEU C 83 -13.32 7.13 19.09
N VAL C 84 -12.36 7.09 20.01
CA VAL C 84 -10.96 7.13 19.68
C VAL C 84 -10.38 5.93 20.42
N ASN C 85 -10.07 4.86 19.71
CA ASN C 85 -9.52 3.67 20.33
C ASN C 85 -8.03 3.82 20.43
N ASN C 86 -7.62 4.34 21.59
CA ASN C 86 -6.23 4.59 21.92
C ASN C 86 -5.63 3.57 22.90
N ALA C 87 -6.44 2.67 23.47
CA ALA C 87 -5.90 1.71 24.44
C ALA C 87 -5.07 0.65 23.77
N GLY C 88 -4.10 0.12 24.50
CA GLY C 88 -3.27 -0.92 23.94
C GLY C 88 -1.86 -0.80 24.45
N ILE C 89 -1.20 -1.92 24.64
CA ILE C 89 0.17 -1.91 25.15
C ILE C 89 1.15 -2.22 24.03
N SER C 90 2.43 -1.93 24.26
CA SER C 90 3.44 -2.18 23.25
C SER C 90 4.20 -3.50 23.40
N THR C 91 5.18 -3.68 22.54
CA THR C 91 6.04 -4.83 22.51
C THR C 91 7.31 -4.29 21.85
N GLY C 92 8.44 -4.85 22.24
CA GLY C 92 9.72 -4.44 21.72
C GLY C 92 10.63 -5.60 22.08
N MET C 93 10.52 -6.66 21.28
CA MET C 93 11.30 -7.88 21.47
C MET C 93 11.17 -8.72 20.19
N PHE C 94 12.18 -9.52 19.88
CA PHE C 94 12.13 -10.37 18.67
C PHE C 94 11.02 -11.45 18.74
N LEU C 95 10.47 -11.81 17.58
CA LEU C 95 9.38 -12.80 17.50
C LEU C 95 9.59 -14.08 18.33
N GLU C 96 10.64 -14.84 17.99
CA GLU C 96 11.00 -16.09 18.67
C GLU C 96 11.07 -15.95 20.20
N THR C 97 11.42 -14.75 20.63
CA THR C 97 11.56 -14.42 22.02
C THR C 97 10.25 -14.36 22.79
N GLU C 98 9.27 -13.60 22.26
CA GLU C 98 7.95 -13.39 22.89
C GLU C 98 7.11 -14.64 23.11
N SER C 99 6.45 -14.73 24.28
CA SER C 99 5.63 -15.91 24.62
C SER C 99 4.32 -15.95 23.88
N VAL C 100 3.64 -17.09 23.96
CA VAL C 100 2.34 -17.27 23.32
C VAL C 100 1.23 -16.76 24.22
N GLU C 101 1.57 -16.50 25.48
CA GLU C 101 0.66 -15.97 26.49
C GLU C 101 0.63 -14.45 26.29
N ARG C 102 1.80 -13.82 26.27
CA ARG C 102 1.87 -12.37 26.06
C ARG C 102 1.29 -11.98 24.67
N PHE C 103 1.66 -12.71 23.63
CA PHE C 103 1.13 -12.43 22.30
C PHE C 103 -0.41 -12.39 22.36
N ARG C 104 -1.03 -13.52 22.73
CA ARG C 104 -2.49 -13.59 22.89
C ARG C 104 -3.05 -12.48 23.79
N LYS C 105 -2.19 -11.85 24.56
CA LYS C 105 -2.61 -10.81 25.47
C LYS C 105 -2.51 -9.41 24.86
N VAL C 106 -1.49 -9.19 24.05
CA VAL C 106 -1.32 -7.87 23.44
C VAL C 106 -2.33 -7.83 22.28
N VAL C 107 -2.47 -8.97 21.60
CA VAL C 107 -3.42 -9.02 20.51
C VAL C 107 -4.81 -8.68 21.01
N GLU C 108 -5.24 -9.37 22.06
CA GLU C 108 -6.58 -9.14 22.66
C GLU C 108 -6.92 -7.73 23.20
N ILE C 109 -5.93 -6.89 23.47
CA ILE C 109 -6.20 -5.53 23.96
C ILE C 109 -6.12 -4.58 22.79
N ASN C 110 -5.09 -4.80 21.98
CA ASN C 110 -4.84 -3.97 20.82
C ASN C 110 -5.86 -4.26 19.72
N LEU C 111 -6.11 -5.51 19.41
CA LEU C 111 -7.09 -5.83 18.37
C LEU C 111 -8.51 -6.14 18.87
N THR C 112 -8.71 -7.26 19.55
CA THR C 112 -10.06 -7.57 20.02
C THR C 112 -10.66 -6.36 20.73
N GLY C 113 -9.84 -5.70 21.52
CA GLY C 113 -10.28 -4.52 22.23
C GLY C 113 -10.96 -3.46 21.37
N VAL C 114 -10.40 -3.14 20.20
CA VAL C 114 -11.03 -2.13 19.32
C VAL C 114 -12.30 -2.72 18.71
N PHE C 115 -12.30 -4.04 18.51
CA PHE C 115 -13.45 -4.76 17.95
C PHE C 115 -14.72 -4.65 18.75
N ILE C 116 -14.60 -4.79 20.08
CA ILE C 116 -15.75 -4.72 20.97
C ILE C 116 -16.10 -3.27 21.03
N GLY C 117 -15.08 -2.44 21.08
CA GLY C 117 -15.29 -1.00 21.10
C GLY C 117 -16.17 -0.60 19.95
N MET C 118 -15.81 -1.02 18.74
CA MET C 118 -16.56 -0.72 17.53
C MET C 118 -17.95 -1.35 17.56
N LYS C 119 -17.98 -2.64 17.84
CA LYS C 119 -19.23 -3.37 17.88
C LYS C 119 -20.24 -2.81 18.92
N THR C 120 -19.80 -2.29 20.08
CA THR C 120 -20.70 -1.74 21.12
C THR C 120 -21.24 -0.34 20.81
N VAL C 121 -20.40 0.49 20.16
CA VAL C 121 -20.77 1.88 19.85
C VAL C 121 -21.60 2.10 18.57
N ILE C 122 -21.34 1.31 17.54
CA ILE C 122 -22.05 1.44 16.25
C ILE C 122 -23.54 1.80 16.44
N PRO C 123 -24.29 1.05 17.26
CA PRO C 123 -25.71 1.37 17.48
C PRO C 123 -25.94 2.77 18.06
N ALA C 124 -25.19 3.10 19.08
CA ALA C 124 -25.27 4.41 19.72
C ALA C 124 -25.11 5.53 18.69
N MET C 125 -24.40 5.21 17.60
CA MET C 125 -24.11 6.14 16.53
C MET C 125 -25.17 6.14 15.44
N LYS C 126 -25.80 5.00 15.20
CA LYS C 126 -26.86 4.94 14.20
C LYS C 126 -28.05 5.70 14.82
N ASP C 127 -28.23 5.50 16.13
CA ASP C 127 -29.28 6.16 16.92
C ASP C 127 -29.03 7.63 16.63
N ALA C 128 -27.78 8.05 16.82
CA ALA C 128 -27.33 9.43 16.61
C ALA C 128 -27.36 9.89 15.17
N GLY C 129 -27.51 8.94 14.25
CA GLY C 129 -27.54 9.24 12.82
C GLY C 129 -26.19 9.53 12.17
N GLY C 130 -25.13 8.99 12.77
CA GLY C 130 -23.79 9.19 12.26
C GLY C 130 -22.71 9.31 13.33
N GLY C 131 -21.50 8.92 12.96
CA GLY C 131 -20.40 8.99 13.91
C GLY C 131 -19.04 8.86 13.27
N SER C 132 -18.02 9.14 14.07
CA SER C 132 -16.65 9.09 13.60
C SER C 132 -15.85 8.29 14.61
N ILE C 133 -15.37 7.13 14.17
CA ILE C 133 -14.54 6.24 14.96
C ILE C 133 -13.08 6.39 14.49
N VAL C 134 -12.20 6.90 15.35
CA VAL C 134 -10.80 7.02 15.01
C VAL C 134 -10.02 5.96 15.77
N ASN C 135 -9.49 4.96 15.07
CA ASN C 135 -8.69 3.92 15.71
C ASN C 135 -7.25 4.33 15.64
N ILE C 136 -6.56 4.31 16.77
CA ILE C 136 -5.15 4.69 16.85
C ILE C 136 -4.28 3.45 16.64
N SER C 137 -3.69 3.36 15.45
CA SER C 137 -2.79 2.26 15.05
C SER C 137 -1.33 2.70 15.28
N SER C 138 -0.47 2.53 14.29
CA SER C 138 0.92 2.94 14.48
C SER C 138 1.73 2.80 13.21
N ALA C 139 2.85 3.49 13.15
CA ALA C 139 3.73 3.35 12.00
C ALA C 139 4.03 1.83 11.89
N ALA C 140 3.93 1.10 13.00
CA ALA C 140 4.18 -0.35 12.97
C ALA C 140 3.05 -1.10 12.24
N GLY C 141 1.95 -0.38 12.01
CA GLY C 141 0.83 -0.96 11.28
C GLY C 141 0.97 -0.70 9.77
N LEU C 142 1.88 0.21 9.43
CA LEU C 142 2.13 0.62 8.08
C LEU C 142 3.31 -0.07 7.41
N MET C 143 4.24 -0.57 8.21
CA MET C 143 5.41 -1.27 7.66
C MET C 143 5.78 -2.37 8.64
N GLY C 144 6.62 -3.29 8.18
CA GLY C 144 7.08 -4.34 9.04
C GLY C 144 8.09 -3.67 9.95
N LEU C 145 7.68 -3.41 11.21
CA LEU C 145 8.58 -2.78 12.17
C LEU C 145 9.24 -3.87 12.98
N ALA C 146 10.56 -3.82 13.05
CA ALA C 146 11.30 -4.84 13.77
C ALA C 146 11.14 -4.70 15.28
N LEU C 147 11.11 -5.87 15.93
CA LEU C 147 10.97 -6.00 17.38
C LEU C 147 9.61 -5.55 17.89
N THR C 148 8.60 -5.51 17.03
CA THR C 148 7.28 -5.09 17.49
C THR C 148 6.25 -6.22 17.48
N SER C 149 6.78 -7.43 17.32
CA SER C 149 6.01 -8.67 17.27
C SER C 149 4.50 -8.51 17.41
N SER C 150 3.91 -9.06 18.48
CA SER C 150 2.47 -8.98 18.70
C SER C 150 1.87 -7.61 18.58
N TYR C 151 2.65 -6.57 18.84
CA TYR C 151 2.18 -5.16 18.73
C TYR C 151 1.96 -4.77 17.26
N GLY C 152 2.80 -5.38 16.41
CA GLY C 152 2.72 -5.15 14.99
C GLY C 152 1.50 -5.85 14.44
N ALA C 153 1.43 -7.16 14.70
CA ALA C 153 0.33 -7.96 14.22
C ALA C 153 -1.05 -7.48 14.59
N SER C 154 -1.16 -6.58 15.57
CA SER C 154 -2.46 -6.06 15.98
C SER C 154 -2.66 -4.70 15.32
N LYS C 155 -1.58 -3.92 15.24
CA LYS C 155 -1.63 -2.60 14.60
C LYS C 155 -1.99 -2.75 13.15
N TRP C 156 -1.46 -3.81 12.52
CA TRP C 156 -1.78 -4.14 11.14
C TRP C 156 -3.23 -4.64 11.08
N GLY C 157 -3.67 -5.30 12.15
CA GLY C 157 -5.02 -5.81 12.22
C GLY C 157 -6.05 -4.71 12.44
N VAL C 158 -5.66 -3.66 13.15
CA VAL C 158 -6.55 -2.53 13.39
C VAL C 158 -6.74 -1.76 12.08
N ARG C 159 -5.65 -1.64 11.30
CA ARG C 159 -5.71 -0.98 10.01
C ARG C 159 -6.72 -1.67 9.06
N GLY C 160 -6.76 -3.00 9.10
CA GLY C 160 -7.67 -3.75 8.27
C GLY C 160 -9.12 -3.78 8.79
N LEU C 161 -9.31 -3.73 10.10
CA LEU C 161 -10.64 -3.77 10.70
C LEU C 161 -11.27 -2.43 10.43
N SER C 162 -10.43 -1.40 10.38
CA SER C 162 -10.90 -0.04 10.12
C SER C 162 -11.49 0.06 8.73
N LYS C 163 -10.79 -0.49 7.73
CA LYS C 163 -11.22 -0.44 6.34
C LYS C 163 -12.46 -1.26 6.01
N LEU C 164 -12.54 -2.50 6.48
CA LEU C 164 -13.72 -3.30 6.17
C LEU C 164 -14.99 -2.80 6.85
N ALA C 165 -14.81 -2.09 7.96
CA ALA C 165 -15.92 -1.52 8.72
C ALA C 165 -16.39 -0.25 8.02
N ALA C 166 -15.42 0.58 7.60
CA ALA C 166 -15.73 1.81 6.91
C ALA C 166 -16.68 1.51 5.77
N VAL C 167 -16.42 0.43 5.02
CA VAL C 167 -17.30 0.02 3.90
C VAL C 167 -18.66 -0.56 4.38
N GLU C 168 -18.66 -1.42 5.39
CA GLU C 168 -19.91 -2.00 5.86
C GLU C 168 -20.88 -0.91 6.36
N LEU C 169 -20.32 0.19 6.86
CA LEU C 169 -21.08 1.30 7.47
C LEU C 169 -21.22 2.66 6.76
N GLY C 170 -20.55 2.85 5.62
CA GLY C 170 -20.59 4.11 4.90
C GLY C 170 -21.90 4.83 4.65
N THR C 171 -22.89 4.15 4.07
CA THR C 171 -24.17 4.78 3.77
C THR C 171 -24.93 5.14 5.06
N ASP C 172 -24.34 4.80 6.22
CA ASP C 172 -24.90 5.01 7.54
C ASP C 172 -24.34 6.28 8.10
N ARG C 173 -23.40 6.88 7.40
CA ARG C 173 -22.77 8.12 7.82
C ARG C 173 -21.72 7.93 8.91
N ILE C 174 -21.31 6.68 9.14
CA ILE C 174 -20.30 6.39 10.17
C ILE C 174 -18.90 6.11 9.58
N ARG C 175 -18.00 7.06 9.76
CA ARG C 175 -16.64 6.94 9.25
C ARG C 175 -15.67 6.23 10.20
N VAL C 176 -14.89 5.31 9.66
CA VAL C 176 -13.88 4.60 10.42
C VAL C 176 -12.54 4.89 9.73
N ASN C 177 -11.59 5.43 10.49
CA ASN C 177 -10.30 5.73 9.88
C ASN C 177 -9.21 5.36 10.89
N SER C 178 -8.06 4.92 10.44
CA SER C 178 -7.01 4.66 11.39
C SER C 178 -5.97 5.78 11.31
N VAL C 179 -5.37 6.11 12.45
CA VAL C 179 -4.31 7.10 12.55
C VAL C 179 -3.06 6.29 12.85
N HIS C 180 -1.92 6.79 12.38
CA HIS C 180 -0.66 6.08 12.52
C HIS C 180 0.48 6.88 13.07
N PRO C 181 0.63 6.89 14.40
CA PRO C 181 1.75 7.67 14.94
C PRO C 181 3.09 6.95 14.82
N GLY C 182 4.14 7.75 14.62
CA GLY C 182 5.48 7.21 14.54
C GLY C 182 6.10 7.59 15.88
N MET C 183 7.39 7.35 16.07
CA MET C 183 8.09 7.70 17.30
C MET C 183 7.62 9.02 17.94
N THR C 184 6.63 8.93 18.82
CA THR C 184 6.06 10.08 19.52
C THR C 184 6.53 10.16 20.97
N TYR C 185 6.90 11.37 21.38
CA TYR C 185 7.39 11.66 22.72
C TYR C 185 6.32 11.59 23.81
N THR C 186 6.33 10.46 24.51
CA THR C 186 5.42 10.15 25.62
C THR C 186 6.38 9.76 26.76
N PRO C 187 5.86 9.48 27.97
CA PRO C 187 6.80 9.11 29.04
C PRO C 187 7.69 7.88 28.81
N MET C 188 7.11 6.69 28.63
CA MET C 188 7.96 5.50 28.43
C MET C 188 8.89 5.59 27.22
N THR C 189 8.39 6.11 26.09
CA THR C 189 9.21 6.27 24.89
C THR C 189 10.36 7.22 25.24
N ALA C 190 10.11 8.11 26.21
CA ALA C 190 11.11 9.07 26.71
C ALA C 190 12.02 8.26 27.62
N GLU C 191 11.41 7.29 28.31
CA GLU C 191 12.06 6.38 29.23
C GLU C 191 12.67 5.22 28.43
N THR C 192 12.80 5.47 27.13
CA THR C 192 13.40 4.57 26.16
C THR C 192 14.72 5.25 25.83
N GLY C 193 14.87 6.48 26.32
CA GLY C 193 16.08 7.25 26.08
C GLY C 193 15.90 8.17 24.89
N ILE C 194 14.64 8.39 24.52
CA ILE C 194 14.28 9.23 23.37
C ILE C 194 14.47 10.70 23.72
N ARG C 195 15.53 11.29 23.17
CA ARG C 195 15.81 12.69 23.43
C ARG C 195 14.91 13.55 22.54
N GLN C 196 13.94 14.16 23.19
CA GLN C 196 13.01 15.05 22.52
C GLN C 196 13.80 16.12 21.78
N GLY C 197 13.10 16.90 20.95
CA GLY C 197 13.74 17.99 20.23
C GLY C 197 14.06 17.84 18.77
N GLU C 198 14.28 19.01 18.16
CA GLU C 198 14.62 19.19 16.75
C GLU C 198 16.02 18.63 16.50
N GLY C 199 16.13 17.71 15.54
CA GLY C 199 17.42 17.10 15.23
C GLY C 199 17.81 15.89 16.06
N ASN C 200 17.01 15.56 17.06
CA ASN C 200 17.32 14.43 17.94
C ASN C 200 17.00 12.98 17.53
N TYR C 201 16.46 12.80 16.31
CA TYR C 201 16.15 11.48 15.72
C TYR C 201 16.52 11.50 14.21
N PRO C 202 17.78 11.22 13.90
CA PRO C 202 18.32 11.18 12.55
C PRO C 202 17.69 10.16 11.60
N ASN C 203 17.09 9.12 12.18
CA ASN C 203 16.51 8.06 11.37
C ASN C 203 15.08 8.24 10.91
N THR C 204 14.61 9.47 10.94
CA THR C 204 13.30 9.80 10.41
C THR C 204 13.58 11.10 9.67
N PRO C 205 13.14 11.19 8.40
CA PRO C 205 13.31 12.35 7.52
C PRO C 205 13.23 13.75 8.18
N MET C 206 12.32 13.89 9.14
CA MET C 206 12.13 15.15 9.84
C MET C 206 13.20 15.36 10.91
N GLY C 207 13.95 14.30 11.22
CA GLY C 207 15.02 14.35 12.21
C GLY C 207 14.62 14.56 13.68
N ARG C 208 13.44 14.12 14.06
CA ARG C 208 12.97 14.32 15.43
C ARG C 208 11.79 13.40 15.79
N VAL C 209 11.42 13.43 17.06
CA VAL C 209 10.32 12.65 17.60
C VAL C 209 9.18 13.65 17.65
N GLY C 210 7.96 13.14 17.44
CA GLY C 210 6.79 13.99 17.44
C GLY C 210 6.30 14.29 18.82
N GLU C 212 5.40 15.25 18.91
CA GLU C 212 4.83 15.60 20.20
C GLU C 212 3.38 15.10 20.10
N PRO C 213 2.72 14.89 21.24
CA PRO C 213 1.33 14.41 21.30
C PRO C 213 0.29 15.41 20.79
N GLY C 214 0.56 16.71 20.95
CA GLY C 214 -0.35 17.72 20.44
C GLY C 214 -0.46 17.54 18.93
N GLU C 215 0.64 17.05 18.34
CA GLU C 215 0.75 16.78 16.89
C GLU C 215 -0.05 15.56 16.42
N ILE C 216 -0.29 14.60 17.31
CA ILE C 216 -1.10 13.50 16.87
C ILE C 216 -2.50 13.84 17.24
N ALA C 217 -2.66 14.58 18.32
CA ALA C 217 -3.99 14.97 18.77
C ALA C 217 -4.74 15.72 17.68
N GLY C 218 -4.10 16.76 17.13
CA GLY C 218 -4.67 17.56 16.04
C GLY C 218 -5.25 16.79 14.85
N ALA C 219 -4.56 15.76 14.40
CA ALA C 219 -5.06 14.96 13.28
C ALA C 219 -6.29 14.14 13.67
N VAL C 220 -6.33 13.72 14.94
CA VAL C 220 -7.43 12.97 15.49
C VAL C 220 -8.61 13.93 15.55
N VAL C 221 -8.33 15.18 15.97
CA VAL C 221 -9.36 16.19 16.10
C VAL C 221 -10.04 16.44 14.76
N LYS C 222 -9.20 16.62 13.72
CA LYS C 222 -9.64 16.89 12.35
C LYS C 222 -10.50 15.75 11.77
N LEU C 223 -10.10 14.52 12.02
CA LEU C 223 -10.83 13.35 11.55
C LEU C 223 -12.10 13.11 12.32
N LEU C 224 -12.20 13.74 13.49
CA LEU C 224 -13.35 13.60 14.39
C LEU C 224 -14.48 14.59 13.97
N SER C 225 -14.09 15.71 13.35
CA SER C 225 -15.02 16.73 12.90
C SER C 225 -15.81 16.45 11.62
N ASP C 226 -16.65 17.41 11.24
CA ASP C 226 -17.45 17.33 10.01
C ASP C 226 -16.63 17.91 8.85
N THR C 227 -15.37 18.25 9.15
CA THR C 227 -14.39 18.84 8.24
C THR C 227 -13.68 17.72 7.49
N SER C 228 -14.25 16.54 7.54
CA SER C 228 -13.67 15.40 6.84
C SER C 228 -14.82 14.44 6.64
N SER C 229 -15.98 15.04 6.45
CA SER C 229 -17.23 14.31 6.24
C SER C 229 -17.11 13.24 5.15
N TYR C 230 -16.21 13.44 4.19
CA TYR C 230 -16.05 12.48 3.09
C TYR C 230 -14.87 11.53 3.35
N VAL C 231 -14.20 11.70 4.48
CA VAL C 231 -13.06 10.82 4.79
C VAL C 231 -13.50 9.54 5.54
N THR C 232 -13.60 8.42 4.83
CA THR C 232 -13.92 7.15 5.46
C THR C 232 -13.06 6.10 4.77
N GLY C 233 -12.56 5.13 5.54
CA GLY C 233 -11.69 4.09 4.99
C GLY C 233 -10.24 4.54 4.90
N ALA C 234 -9.94 5.77 5.25
CA ALA C 234 -8.57 6.30 5.20
C ALA C 234 -7.57 5.89 6.30
N GLU C 235 -6.35 6.41 6.16
CA GLU C 235 -5.30 6.14 7.12
C GLU C 235 -4.35 7.29 7.04
N LEU C 236 -4.21 8.00 8.15
CA LEU C 236 -3.33 9.14 8.21
C LEU C 236 -2.11 8.80 9.04
N ALA C 237 -0.96 9.23 8.59
CA ALA C 237 0.27 8.98 9.30
C ALA C 237 0.95 10.27 9.77
N VAL C 238 1.11 10.35 11.09
CA VAL C 238 1.75 11.48 11.72
C VAL C 238 3.06 10.90 12.25
N ASP C 239 4.09 10.90 11.39
CA ASP C 239 5.39 10.32 11.76
C ASP C 239 6.65 11.01 11.24
N GLY C 240 6.55 12.27 10.84
CA GLY C 240 7.71 13.02 10.38
C GLY C 240 8.43 12.43 9.19
N GLY C 241 7.73 11.58 8.44
CA GLY C 241 8.29 10.95 7.26
C GLY C 241 8.87 9.57 7.52
N TRP C 242 8.64 9.05 8.71
CA TRP C 242 9.18 7.75 9.06
C TRP C 242 8.73 6.69 8.07
N THR C 243 7.45 6.76 7.74
CA THR C 243 6.83 5.80 6.85
C THR C 243 7.05 6.01 5.35
N THR C 244 7.20 7.26 4.92
CA THR C 244 7.34 7.52 3.47
C THR C 244 8.47 6.73 2.87
N GLY C 245 9.64 6.85 3.49
CA GLY C 245 10.81 6.13 3.03
C GLY C 245 12.04 6.48 3.85
N PRO C 246 13.13 5.69 3.72
CA PRO C 246 14.44 5.79 4.37
C PRO C 246 15.15 7.13 4.27
N THR C 247 16.04 7.36 5.22
CA THR C 247 16.83 8.58 5.28
C THR C 247 17.79 8.61 4.09
N VAL C 248 18.07 9.81 3.59
CA VAL C 248 18.98 10.01 2.48
C VAL C 248 20.25 9.24 2.88
N LYS C 249 20.58 9.38 4.16
CA LYS C 249 21.74 8.75 4.74
C LYS C 249 21.67 7.26 4.57
N TYR C 250 20.48 6.73 4.77
CA TYR C 250 20.24 5.30 4.67
C TYR C 250 20.32 4.87 3.20
N VAL C 251 19.86 5.74 2.28
CA VAL C 251 19.90 5.39 0.86
C VAL C 251 21.36 5.41 0.40
N MET C 252 22.15 6.35 0.91
CA MET C 252 23.57 6.41 0.60
C MET C 252 24.26 5.31 1.41
N GLY C 253 23.66 4.93 2.53
CA GLY C 253 24.23 3.92 3.41
C GLY C 253 24.86 4.63 4.60
N GLN C 254 26.11 5.05 4.40
CA GLN C 254 26.92 5.78 5.37
C GLN C 254 27.67 4.89 6.38
N ASN D 1 7.31 -26.11 -11.95
CA ASN D 1 8.06 -25.77 -13.20
C ASN D 1 7.51 -24.45 -13.75
N ASP D 2 8.40 -23.70 -14.42
CA ASP D 2 8.06 -22.43 -15.07
C ASP D 2 8.65 -22.56 -16.48
N LEU D 3 8.00 -23.38 -17.31
CA LEU D 3 8.46 -23.62 -18.69
C LEU D 3 7.80 -22.68 -19.70
N SER D 4 8.35 -22.62 -20.92
CA SER D 4 7.83 -21.73 -21.94
C SER D 4 7.99 -22.19 -23.39
N GLY D 5 6.94 -22.69 -24.02
CA GLY D 5 7.05 -23.04 -25.44
C GLY D 5 6.39 -21.94 -26.28
N LYS D 6 6.74 -20.67 -26.01
CA LYS D 6 6.15 -19.49 -26.69
C LYS D 6 7.22 -18.50 -27.12
N THR D 7 6.79 -17.32 -27.59
CA THR D 7 7.73 -16.25 -28.00
C THR D 7 7.58 -14.99 -27.14
N VAL D 8 8.70 -14.35 -26.80
CA VAL D 8 8.63 -13.16 -25.97
C VAL D 8 9.62 -12.03 -26.39
N ILE D 9 9.17 -10.78 -26.32
CA ILE D 9 10.00 -9.62 -26.62
C ILE D 9 10.38 -8.94 -25.30
N ILE D 10 11.67 -8.95 -25.01
CA ILE D 10 12.25 -8.39 -23.80
C ILE D 10 13.00 -7.12 -24.17
N THR D 11 12.65 -5.99 -23.57
CA THR D 11 13.32 -4.73 -23.91
C THR D 11 14.52 -4.36 -23.03
N GLY D 12 15.55 -3.76 -23.65
CA GLY D 12 16.75 -3.45 -22.89
C GLY D 12 17.38 -4.82 -22.66
N GLY D 13 17.31 -5.66 -23.69
CA GLY D 13 17.83 -7.01 -23.62
C GLY D 13 19.26 -7.28 -24.05
N ALA D 14 20.03 -6.25 -24.37
CA ALA D 14 21.41 -6.46 -24.78
C ALA D 14 22.27 -6.77 -23.55
N ARG D 15 22.37 -5.81 -22.66
CA ARG D 15 23.16 -5.99 -21.44
C ARG D 15 22.28 -6.03 -20.17
N GLY D 16 22.85 -5.65 -19.02
CA GLY D 16 22.11 -5.60 -17.77
C GLY D 16 21.19 -6.74 -17.36
N LEU D 17 20.05 -6.37 -16.78
CA LEU D 17 19.01 -7.31 -16.29
C LEU D 17 18.16 -7.96 -17.39
N GLY D 18 17.98 -7.25 -18.50
CA GLY D 18 17.23 -7.78 -19.62
C GLY D 18 18.00 -8.95 -20.21
N ALA D 19 19.33 -8.84 -20.25
CA ALA D 19 20.18 -9.91 -20.79
C ALA D 19 19.93 -11.20 -20.03
N GLU D 20 20.01 -11.11 -18.70
CA GLU D 20 19.74 -12.25 -17.82
C GLU D 20 18.33 -12.77 -17.99
N ALA D 21 17.35 -11.87 -17.96
CA ALA D 21 15.96 -12.28 -18.10
C ALA D 21 15.81 -13.16 -19.32
N ALA D 22 16.36 -12.68 -20.44
CA ALA D 22 16.32 -13.35 -21.74
C ALA D 22 17.04 -14.69 -21.71
N ARG D 23 18.20 -14.70 -21.06
CA ARG D 23 19.01 -15.90 -20.93
C ARG D 23 18.15 -17.04 -20.34
N GLN D 24 17.51 -16.75 -19.20
CA GLN D 24 16.66 -17.72 -18.51
C GLN D 24 15.40 -18.15 -19.28
N ALA D 25 14.72 -17.19 -19.91
CA ALA D 25 13.51 -17.47 -20.67
C ALA D 25 13.80 -18.42 -21.82
N VAL D 26 14.86 -18.15 -22.57
CA VAL D 26 15.21 -19.04 -23.68
C VAL D 26 15.52 -20.39 -23.05
N ALA D 27 16.22 -20.36 -21.92
CA ALA D 27 16.50 -21.58 -21.19
C ALA D 27 15.17 -22.29 -20.97
N ALA D 28 14.14 -21.47 -20.71
CA ALA D 28 12.78 -21.93 -20.50
C ALA D 28 12.06 -22.42 -21.77
N GLY D 29 12.80 -22.60 -22.87
CA GLY D 29 12.19 -23.07 -24.11
C GLY D 29 11.42 -22.09 -24.99
N ALA D 30 11.44 -20.81 -24.61
CA ALA D 30 10.77 -19.78 -25.38
C ALA D 30 11.73 -19.24 -26.44
N ARG D 31 11.18 -18.49 -27.39
CA ARG D 31 11.97 -17.86 -28.42
C ARG D 31 11.93 -16.42 -27.97
N VAL D 32 13.01 -15.68 -28.18
CA VAL D 32 13.09 -14.31 -27.70
C VAL D 32 13.48 -13.30 -28.77
N VAL D 33 12.91 -12.11 -28.69
CA VAL D 33 13.22 -11.02 -29.60
C VAL D 33 13.83 -9.93 -28.74
N LEU D 34 15.14 -9.92 -28.59
CA LEU D 34 15.76 -8.87 -27.78
C LEU D 34 15.52 -7.57 -28.53
N ALA D 35 15.52 -6.46 -27.82
CA ALA D 35 15.28 -5.16 -28.44
C ALA D 35 16.03 -4.15 -27.64
N ASP D 36 16.86 -3.37 -28.32
CA ASP D 36 17.65 -2.36 -27.64
C ASP D 36 18.07 -1.27 -28.65
N VAL D 37 18.77 -0.25 -28.16
CA VAL D 37 19.28 0.84 -28.98
C VAL D 37 20.80 0.85 -28.76
N LEU D 38 21.35 -0.35 -28.67
CA LEU D 38 22.76 -0.60 -28.40
C LEU D 38 23.07 -1.91 -29.14
N ASP D 39 23.10 -1.81 -30.47
CA ASP D 39 23.32 -2.95 -31.39
C ASP D 39 24.43 -3.93 -31.12
N GLU D 40 25.65 -3.41 -31.06
CA GLU D 40 26.86 -4.22 -30.86
C GLU D 40 26.58 -5.39 -29.92
N GLU D 41 26.02 -5.05 -28.76
CA GLU D 41 25.74 -6.06 -27.77
C GLU D 41 24.49 -6.89 -28.00
N GLY D 42 23.41 -6.29 -28.47
CA GLY D 42 22.21 -7.07 -28.70
C GLY D 42 22.50 -8.16 -29.72
N ALA D 43 23.35 -7.79 -30.68
CA ALA D 43 23.81 -8.67 -31.75
C ALA D 43 24.48 -9.87 -31.09
N ALA D 44 25.52 -9.60 -30.30
CA ALA D 44 26.26 -10.63 -29.58
C ALA D 44 25.32 -11.49 -28.73
N THR D 45 24.59 -10.87 -27.81
CA THR D 45 23.68 -11.59 -26.92
C THR D 45 22.81 -12.61 -27.64
N ALA D 46 22.07 -12.18 -28.66
CA ALA D 46 21.24 -13.12 -29.41
C ALA D 46 22.16 -14.17 -30.04
N ARG D 47 23.35 -13.72 -30.44
CA ARG D 47 24.35 -14.57 -31.06
C ARG D 47 24.83 -15.65 -30.06
N GLU D 48 24.69 -15.37 -28.76
CA GLU D 48 25.05 -16.32 -27.70
C GLU D 48 23.88 -17.27 -27.37
N LEU D 49 22.66 -16.74 -27.27
CA LEU D 49 21.48 -17.56 -26.93
C LEU D 49 21.21 -18.68 -27.91
N GLY D 50 21.41 -18.41 -29.20
CA GLY D 50 21.18 -19.43 -30.21
C GLY D 50 20.01 -19.23 -31.14
N ASP D 51 19.50 -20.35 -31.64
CA ASP D 51 18.39 -20.36 -32.59
C ASP D 51 17.06 -19.87 -32.01
N ALA D 52 17.03 -19.67 -30.69
CA ALA D 52 15.79 -19.20 -30.09
C ALA D 52 15.83 -17.71 -29.79
N ALA D 53 16.78 -16.98 -30.36
CA ALA D 53 16.87 -15.53 -30.12
C ALA D 53 16.86 -14.81 -31.46
N ARG D 54 16.66 -13.50 -31.45
CA ARG D 54 16.67 -12.64 -32.65
C ARG D 54 16.70 -11.20 -32.13
N TYR D 55 17.81 -10.49 -32.31
CA TYR D 55 17.88 -9.13 -31.81
C TYR D 55 17.43 -8.08 -32.82
N GLN D 56 16.53 -7.20 -32.38
CA GLN D 56 15.98 -6.12 -33.18
C GLN D 56 16.36 -4.78 -32.56
N HIS D 57 16.47 -3.72 -33.34
CA HIS D 57 16.81 -2.42 -32.76
C HIS D 57 15.50 -1.84 -32.30
N LEU D 58 15.48 -1.11 -31.22
CA LEU D 58 14.20 -0.59 -30.78
C LEU D 58 14.35 0.61 -29.91
N ASP D 59 13.92 1.75 -30.41
CA ASP D 59 13.98 2.93 -29.58
C ASP D 59 12.59 2.93 -28.99
N VAL D 60 12.57 2.53 -27.75
CA VAL D 60 11.39 2.36 -26.96
C VAL D 60 10.44 3.57 -26.92
N THR D 61 10.96 4.76 -27.15
CA THR D 61 10.13 5.97 -27.13
C THR D 61 9.42 6.24 -28.45
N ILE D 62 9.69 5.43 -29.49
CA ILE D 62 9.11 5.59 -30.85
C ILE D 62 8.10 4.53 -31.23
N GLU D 63 6.85 4.92 -31.49
CA GLU D 63 5.85 3.93 -31.84
C GLU D 63 6.14 3.26 -33.16
N GLU D 64 6.86 3.93 -34.04
CA GLU D 64 7.19 3.32 -35.32
C GLU D 64 8.09 2.12 -35.05
N ASP D 65 9.17 2.35 -34.28
CA ASP D 65 10.14 1.33 -33.90
C ASP D 65 9.37 0.21 -33.24
N TRP D 66 8.45 0.63 -32.39
CA TRP D 66 7.60 -0.28 -31.66
C TRP D 66 6.75 -1.18 -32.55
N GLN D 67 6.00 -0.60 -33.47
CA GLN D 67 5.15 -1.40 -34.36
C GLN D 67 5.99 -2.29 -35.25
N ARG D 68 7.14 -1.80 -35.66
CA ARG D 68 8.02 -2.60 -36.51
C ARG D 68 8.40 -3.91 -35.83
N VAL D 69 8.92 -3.82 -34.61
CA VAL D 69 9.34 -4.99 -33.87
C VAL D 69 8.18 -5.97 -33.59
N VAL D 70 7.02 -5.44 -33.21
CA VAL D 70 5.88 -6.29 -32.93
C VAL D 70 5.61 -7.17 -34.16
N ALA D 71 5.39 -6.54 -35.31
CA ALA D 71 5.13 -7.26 -36.56
C ALA D 71 6.21 -8.31 -36.83
N TYR D 72 7.47 -7.90 -36.82
CA TYR D 72 8.60 -8.80 -37.03
C TYR D 72 8.53 -10.06 -36.15
N ALA D 73 8.10 -9.91 -34.91
CA ALA D 73 8.04 -11.04 -34.02
C ALA D 73 6.84 -11.89 -34.36
N ARG D 74 5.74 -11.25 -34.77
CA ARG D 74 4.57 -12.01 -35.15
C ARG D 74 4.98 -12.79 -36.42
N GLU D 75 5.70 -12.08 -37.28
CA GLU D 75 6.20 -12.55 -38.57
C GLU D 75 7.16 -13.72 -38.43
N GLU D 76 8.14 -13.57 -37.54
CA GLU D 76 9.17 -14.59 -37.36
C GLU D 76 8.78 -15.83 -36.59
N PHE D 77 8.24 -15.62 -35.39
CA PHE D 77 7.87 -16.72 -34.53
C PHE D 77 6.40 -17.06 -34.60
N GLY D 78 5.62 -16.21 -35.26
CA GLY D 78 4.21 -16.50 -35.38
C GLY D 78 3.33 -16.03 -34.24
N SER D 79 3.91 -15.43 -33.20
CA SER D 79 3.11 -14.91 -32.08
C SER D 79 3.86 -14.00 -31.13
N VAL D 80 3.09 -13.27 -30.33
CA VAL D 80 3.63 -12.40 -29.29
C VAL D 80 2.77 -12.74 -28.06
N ASP D 81 3.36 -13.49 -27.15
CA ASP D 81 2.67 -13.93 -25.95
C ASP D 81 3.07 -13.18 -24.73
N GLY D 82 4.35 -12.82 -24.65
CA GLY D 82 4.83 -12.08 -23.51
C GLY D 82 5.67 -10.87 -23.88
N LEU D 83 5.69 -9.91 -22.98
CA LEU D 83 6.45 -8.67 -23.13
C LEU D 83 7.20 -8.41 -21.80
N VAL D 84 8.30 -7.66 -21.87
CA VAL D 84 9.06 -7.34 -20.70
C VAL D 84 9.57 -5.93 -20.89
N ASN D 85 8.79 -4.96 -20.44
CA ASN D 85 9.18 -3.57 -20.51
C ASN D 85 10.25 -3.43 -19.46
N ASN D 86 11.50 -3.53 -19.91
CA ASN D 86 12.66 -3.50 -19.05
C ASN D 86 13.58 -2.35 -19.33
N ALA D 87 13.40 -1.69 -20.47
CA ALA D 87 14.28 -0.55 -20.80
C ALA D 87 13.86 0.73 -20.07
N GLY D 88 14.85 1.48 -19.60
CA GLY D 88 14.62 2.73 -18.88
C GLY D 88 15.95 3.31 -18.39
N ILE D 89 15.92 4.38 -17.62
CA ILE D 89 17.17 4.94 -17.11
C ILE D 89 17.05 5.60 -15.74
N SER D 90 18.14 5.49 -15.00
CA SER D 90 18.24 6.02 -13.65
C SER D 90 18.51 7.52 -13.45
N THR D 91 18.04 8.02 -12.32
CA THR D 91 18.18 9.40 -11.92
C THR D 91 18.54 9.37 -10.45
N GLY D 92 19.79 9.75 -10.16
CA GLY D 92 20.23 9.81 -8.79
C GLY D 92 20.66 11.24 -8.54
N MET D 93 19.81 12.03 -7.89
CA MET D 93 20.16 13.40 -7.59
C MET D 93 19.06 14.13 -6.81
N PHE D 94 19.46 15.15 -6.07
CA PHE D 94 18.57 15.92 -5.23
C PHE D 94 17.48 16.78 -5.87
N LEU D 95 16.46 16.18 -6.46
CA LEU D 95 15.31 16.90 -7.06
C LEU D 95 15.40 18.41 -7.33
N GLU D 96 15.75 19.22 -6.32
CA GLU D 96 15.91 20.67 -6.52
C GLU D 96 16.97 20.94 -7.63
N THR D 97 17.91 20.01 -7.79
CA THR D 97 18.98 20.16 -8.76
C THR D 97 18.73 19.45 -10.06
N GLU D 98 17.50 19.01 -10.32
CA GLU D 98 17.29 18.33 -11.60
C GLU D 98 16.72 19.30 -12.60
N SER D 99 17.11 19.11 -13.87
CA SER D 99 16.71 19.96 -15.00
C SER D 99 15.38 19.52 -15.56
N VAL D 100 14.53 20.46 -15.97
CA VAL D 100 13.24 20.05 -16.51
C VAL D 100 13.35 19.18 -17.76
N GLU D 101 14.49 19.26 -18.47
CA GLU D 101 14.72 18.48 -19.70
C GLU D 101 15.07 17.05 -19.39
N ARG D 102 16.00 16.84 -18.46
CA ARG D 102 16.38 15.48 -18.11
C ARG D 102 15.14 14.75 -17.54
N PHE D 103 14.36 15.50 -16.78
CA PHE D 103 13.16 15.00 -16.16
C PHE D 103 12.27 14.51 -17.24
N ARG D 104 12.03 15.37 -18.23
CA ARG D 104 11.18 15.03 -19.36
C ARG D 104 11.71 13.82 -20.12
N LYS D 105 13.02 13.61 -20.05
CA LYS D 105 13.66 12.48 -20.73
C LYS D 105 13.55 11.16 -19.99
N VAL D 106 13.68 11.18 -18.67
CA VAL D 106 13.59 9.93 -17.92
C VAL D 106 12.15 9.42 -17.95
N VAL D 107 11.20 10.30 -17.67
CA VAL D 107 9.80 9.91 -17.67
C VAL D 107 9.39 9.33 -19.01
N GLU D 108 9.86 10.00 -20.07
CA GLU D 108 9.61 9.67 -21.47
C GLU D 108 9.93 8.21 -21.79
N ILE D 109 11.18 7.83 -21.50
CA ILE D 109 11.68 6.49 -21.70
C ILE D 109 11.07 5.54 -20.67
N ASN D 110 11.24 5.88 -19.41
CA ASN D 110 10.76 5.03 -18.35
C ASN D 110 9.27 4.84 -18.37
N LEU D 111 8.53 5.94 -18.32
CA LEU D 111 7.09 5.89 -18.33
C LEU D 111 6.47 5.69 -19.71
N THR D 112 6.59 6.64 -20.62
CA THR D 112 5.98 6.41 -21.92
C THR D 112 6.48 5.20 -22.71
N GLY D 113 7.81 4.99 -22.78
CA GLY D 113 8.35 3.84 -23.50
C GLY D 113 7.56 2.59 -23.16
N VAL D 114 7.15 2.50 -21.90
CA VAL D 114 6.38 1.37 -21.41
C VAL D 114 4.96 1.34 -21.96
N PHE D 115 4.30 2.48 -21.96
CA PHE D 115 2.93 2.60 -22.48
C PHE D 115 2.92 2.31 -23.98
N ILE D 116 3.83 2.94 -24.72
CA ILE D 116 3.95 2.74 -26.17
C ILE D 116 4.24 1.26 -26.38
N GLY D 117 4.94 0.64 -25.43
CA GLY D 117 5.21 -0.79 -25.53
C GLY D 117 3.97 -1.64 -25.38
N MET D 118 3.10 -1.27 -24.44
CA MET D 118 1.87 -2.01 -24.17
C MET D 118 0.76 -1.86 -25.22
N LYS D 119 0.32 -0.63 -25.52
CA LYS D 119 -0.76 -0.51 -26.50
C LYS D 119 -0.42 -1.05 -27.90
N THR D 120 0.87 -1.23 -28.18
CA THR D 120 1.32 -1.75 -29.46
C THR D 120 1.14 -3.24 -29.42
N VAL D 121 1.68 -3.86 -28.38
CA VAL D 121 1.63 -5.30 -28.30
C VAL D 121 0.24 -5.89 -27.98
N ILE D 122 -0.69 -5.08 -27.46
CA ILE D 122 -2.02 -5.61 -27.12
C ILE D 122 -2.74 -6.34 -28.27
N PRO D 123 -2.69 -5.80 -29.50
CA PRO D 123 -3.38 -6.48 -30.62
C PRO D 123 -2.76 -7.85 -30.95
N ALA D 124 -1.43 -7.94 -30.95
CA ALA D 124 -0.77 -9.19 -31.24
C ALA D 124 -1.18 -10.22 -30.20
N MET D 125 -1.56 -9.73 -29.02
CA MET D 125 -1.96 -10.60 -27.91
C MET D 125 -3.42 -11.00 -27.97
N LYS D 126 -4.31 -10.08 -28.33
CA LYS D 126 -5.72 -10.43 -28.48
C LYS D 126 -5.76 -11.50 -29.58
N ASP D 127 -4.74 -11.45 -30.46
CA ASP D 127 -4.56 -12.40 -31.55
C ASP D 127 -4.17 -13.80 -31.02
N ALA D 128 -3.14 -13.87 -30.18
CA ALA D 128 -2.68 -15.14 -29.59
C ALA D 128 -3.78 -15.79 -28.76
N GLY D 129 -4.55 -14.96 -28.08
CA GLY D 129 -5.63 -15.45 -27.23
C GLY D 129 -5.39 -14.91 -25.83
N GLY D 130 -4.17 -14.42 -25.60
CA GLY D 130 -3.77 -13.86 -24.32
C GLY D 130 -2.30 -13.49 -24.27
N GLY D 131 -1.88 -12.86 -23.17
CA GLY D 131 -0.49 -12.43 -22.99
C GLY D 131 -0.12 -12.05 -21.55
N SER D 132 1.18 -11.95 -21.30
CA SER D 132 1.73 -11.62 -20.00
C SER D 132 2.67 -10.42 -20.15
N ILE D 133 2.31 -9.27 -19.61
CA ILE D 133 3.16 -8.09 -19.75
C ILE D 133 3.85 -7.74 -18.44
N VAL D 134 5.08 -8.20 -18.27
CA VAL D 134 5.83 -7.91 -17.06
C VAL D 134 6.62 -6.62 -17.16
N ASN D 135 6.13 -5.61 -16.48
CA ASN D 135 6.84 -4.35 -16.45
C ASN D 135 7.81 -4.37 -15.28
N ILE D 136 9.10 -4.23 -15.56
CA ILE D 136 10.15 -4.19 -14.54
C ILE D 136 10.17 -2.76 -14.02
N SER D 137 9.71 -2.60 -12.78
CA SER D 137 9.66 -1.32 -12.09
C SER D 137 10.84 -1.31 -11.12
N SER D 138 10.66 -0.72 -9.95
CA SER D 138 11.75 -0.69 -9.00
C SER D 138 11.24 -0.62 -7.55
N ALA D 139 12.21 -0.82 -6.65
CA ALA D 139 12.01 -0.71 -5.25
C ALA D 139 11.56 0.75 -5.10
N ALA D 140 12.19 1.65 -5.86
CA ALA D 140 11.86 3.07 -5.85
C ALA D 140 10.37 3.31 -6.23
N GLY D 141 9.80 2.39 -7.01
CA GLY D 141 8.39 2.52 -7.38
C GLY D 141 7.47 1.90 -6.32
N LEU D 142 7.92 1.87 -5.08
CA LEU D 142 7.17 1.28 -3.98
C LEU D 142 7.26 2.04 -2.68
N MET D 143 8.14 3.02 -2.61
CA MET D 143 8.29 3.83 -1.40
C MET D 143 8.94 5.10 -1.93
N GLY D 144 9.03 6.13 -1.11
CA GLY D 144 9.65 7.34 -1.61
C GLY D 144 11.16 7.27 -1.52
N LEU D 145 11.85 6.77 -2.56
CA LEU D 145 13.31 6.72 -2.52
C LEU D 145 13.90 8.08 -2.79
N ALA D 146 14.55 8.66 -1.80
CA ALA D 146 15.16 9.94 -2.01
C ALA D 146 16.34 9.84 -3.00
N LEU D 147 16.49 10.90 -3.79
CA LEU D 147 17.54 11.02 -4.80
C LEU D 147 17.22 10.33 -6.12
N THR D 148 15.96 10.03 -6.39
CA THR D 148 15.64 9.36 -7.63
C THR D 148 14.69 10.17 -8.52
N SER D 149 14.37 11.38 -8.07
CA SER D 149 13.47 12.30 -8.75
C SER D 149 12.69 11.73 -9.96
N SER D 150 13.06 12.16 -11.16
CA SER D 150 12.40 11.69 -12.39
C SER D 150 12.26 10.17 -12.47
N TYR D 151 13.25 9.45 -11.93
CA TYR D 151 13.27 7.99 -11.91
C TYR D 151 12.15 7.50 -10.99
N GLY D 152 11.99 8.23 -9.89
CA GLY D 152 10.99 7.92 -8.89
C GLY D 152 9.59 8.11 -9.44
N ALA D 153 9.32 9.26 -10.03
CA ALA D 153 8.00 9.51 -10.61
C ALA D 153 7.64 8.46 -11.65
N SER D 154 8.55 8.23 -12.58
CA SER D 154 8.27 7.27 -13.60
C SER D 154 7.98 5.91 -13.06
N LYS D 155 8.93 5.36 -12.29
CA LYS D 155 8.76 4.01 -11.76
C LYS D 155 7.47 3.79 -10.95
N TRP D 156 6.93 4.88 -10.38
CA TRP D 156 5.66 4.82 -9.63
C TRP D 156 4.49 4.85 -10.59
N GLY D 157 4.71 5.51 -11.74
CA GLY D 157 3.71 5.60 -12.79
C GLY D 157 3.68 4.27 -13.53
N VAL D 158 4.82 3.58 -13.64
CA VAL D 158 4.76 2.25 -14.29
C VAL D 158 3.92 1.34 -13.38
N ARG D 159 4.10 1.49 -12.06
CA ARG D 159 3.31 0.71 -11.11
C ARG D 159 1.79 0.92 -11.26
N GLY D 160 1.32 2.15 -11.45
CA GLY D 160 -0.10 2.36 -11.64
C GLY D 160 -0.65 1.99 -13.03
N LEU D 161 0.14 2.24 -14.08
CA LEU D 161 -0.26 1.92 -15.45
C LEU D 161 -0.45 0.40 -15.56
N SER D 162 0.40 -0.37 -14.89
CA SER D 162 0.26 -1.82 -14.95
C SER D 162 -1.02 -2.31 -14.25
N LYS D 163 -1.53 -1.54 -13.29
CA LYS D 163 -2.73 -1.98 -12.57
C LYS D 163 -4.01 -1.73 -13.36
N LEU D 164 -4.18 -0.51 -13.85
CA LEU D 164 -5.37 -0.14 -14.63
C LEU D 164 -5.43 -1.00 -15.88
N ALA D 165 -4.27 -1.22 -16.49
CA ALA D 165 -4.20 -2.04 -17.68
C ALA D 165 -4.65 -3.45 -17.36
N ALA D 166 -4.32 -3.90 -16.16
CA ALA D 166 -4.64 -5.25 -15.70
C ALA D 166 -6.13 -5.38 -15.58
N VAL D 167 -6.76 -4.31 -15.12
CA VAL D 167 -8.21 -4.27 -14.95
C VAL D 167 -8.95 -4.32 -16.29
N GLU D 168 -8.46 -3.53 -17.26
CA GLU D 168 -9.07 -3.43 -18.58
C GLU D 168 -8.93 -4.65 -19.44
N LEU D 169 -7.78 -5.30 -19.36
CA LEU D 169 -7.48 -6.48 -20.18
C LEU D 169 -7.89 -7.83 -19.62
N GLY D 170 -8.31 -7.88 -18.38
CA GLY D 170 -8.68 -9.11 -17.73
C GLY D 170 -9.42 -10.15 -18.53
N THR D 171 -10.57 -9.78 -19.06
CA THR D 171 -11.39 -10.71 -19.82
C THR D 171 -10.69 -11.23 -21.08
N ASP D 172 -9.63 -10.54 -21.51
CA ASP D 172 -8.91 -10.98 -22.70
C ASP D 172 -7.83 -12.03 -22.39
N ARG D 173 -7.73 -12.41 -21.11
CA ARG D 173 -6.73 -13.37 -20.66
C ARG D 173 -5.38 -12.71 -20.83
N ILE D 174 -5.36 -11.37 -20.71
CA ILE D 174 -4.10 -10.64 -20.82
C ILE D 174 -3.69 -10.06 -19.46
N ARG D 175 -2.69 -10.68 -18.84
CA ARG D 175 -2.19 -10.30 -17.52
C ARG D 175 -1.14 -9.21 -17.60
N VAL D 176 -1.17 -8.31 -16.62
CA VAL D 176 -0.23 -7.21 -16.56
C VAL D 176 0.17 -7.08 -15.07
N ASN D 177 1.44 -7.33 -14.78
CA ASN D 177 2.01 -7.27 -13.43
C ASN D 177 3.34 -6.54 -13.43
N SER D 178 3.71 -5.99 -12.28
CA SER D 178 4.98 -5.30 -12.17
C SER D 178 5.91 -6.09 -11.26
N VAL D 179 7.22 -5.98 -11.53
CA VAL D 179 8.24 -6.62 -10.73
C VAL D 179 9.01 -5.43 -10.24
N HIS D 180 9.49 -5.48 -9.00
CA HIS D 180 10.22 -4.36 -8.40
C HIS D 180 11.53 -4.79 -7.70
N PRO D 181 12.62 -5.03 -8.46
CA PRO D 181 13.90 -5.43 -7.84
C PRO D 181 14.45 -4.30 -7.00
N GLY D 182 15.24 -4.60 -5.98
CA GLY D 182 15.86 -3.55 -5.17
C GLY D 182 17.31 -3.48 -5.62
N MET D 183 18.19 -2.89 -4.83
CA MET D 183 19.60 -2.80 -5.20
C MET D 183 20.16 -4.14 -5.76
N THR D 184 20.29 -4.22 -7.09
CA THR D 184 20.80 -5.41 -7.78
C THR D 184 22.15 -5.14 -8.42
N TYR D 185 23.05 -6.12 -8.34
CA TYR D 185 24.39 -5.93 -8.90
C TYR D 185 24.53 -6.07 -10.41
N THR D 186 24.97 -4.96 -11.03
CA THR D 186 25.21 -4.85 -12.46
C THR D 186 26.19 -3.69 -12.69
N PRO D 187 26.91 -3.67 -13.84
CA PRO D 187 27.89 -2.63 -14.18
C PRO D 187 27.43 -1.16 -14.12
N MET D 188 26.12 -0.91 -14.17
CA MET D 188 25.63 0.44 -14.07
C MET D 188 25.84 0.78 -12.59
N THR D 189 25.25 -0.05 -11.74
CA THR D 189 25.34 0.11 -10.29
C THR D 189 26.76 -0.09 -9.78
N ALA D 190 27.58 -0.81 -10.56
CA ALA D 190 28.98 -1.06 -10.21
C ALA D 190 29.70 0.25 -10.10
N GLU D 191 29.29 1.23 -10.90
CA GLU D 191 29.92 2.54 -10.87
C GLU D 191 29.43 3.30 -9.65
N THR D 192 28.55 2.66 -8.87
CA THR D 192 28.01 3.27 -7.65
C THR D 192 28.74 2.75 -6.40
N GLY D 193 29.75 1.91 -6.60
CA GLY D 193 30.52 1.37 -5.48
C GLY D 193 29.71 0.48 -4.55
N ILE D 194 28.82 -0.32 -5.13
CA ILE D 194 27.98 -1.23 -4.36
C ILE D 194 28.76 -2.49 -4.01
N ARG D 195 29.00 -2.69 -2.72
CA ARG D 195 29.73 -3.86 -2.26
C ARG D 195 28.90 -5.13 -2.55
N GLN D 196 29.32 -5.88 -3.57
CA GLN D 196 28.63 -7.10 -3.94
C GLN D 196 29.06 -8.19 -2.97
N GLY D 197 28.33 -9.30 -2.97
CA GLY D 197 28.64 -10.41 -2.09
C GLY D 197 27.96 -10.32 -0.74
N GLU D 198 27.65 -11.52 -0.20
CA GLU D 198 26.98 -11.68 1.10
C GLU D 198 27.41 -10.66 2.18
N GLY D 199 26.44 -10.19 2.95
CA GLY D 199 26.72 -9.24 4.00
C GLY D 199 27.39 -7.95 3.59
N ASN D 200 27.57 -7.73 2.29
CA ASN D 200 28.22 -6.50 1.86
C ASN D 200 27.38 -5.24 1.70
N TYR D 201 26.07 -5.38 1.91
CA TYR D 201 25.12 -4.26 1.84
C TYR D 201 24.23 -4.27 3.11
N PRO D 202 24.62 -3.51 4.16
CA PRO D 202 23.90 -3.42 5.44
C PRO D 202 22.53 -2.70 5.54
N ASN D 203 22.08 -2.05 4.47
CA ASN D 203 20.77 -1.36 4.55
C ASN D 203 19.60 -2.09 3.92
N THR D 204 19.75 -3.41 3.84
CA THR D 204 18.77 -4.37 3.35
C THR D 204 18.74 -5.48 4.43
N PRO D 205 17.56 -5.88 4.92
CA PRO D 205 17.51 -6.94 5.93
C PRO D 205 18.35 -8.17 5.59
N MET D 206 18.32 -8.59 4.33
CA MET D 206 19.11 -9.75 3.92
C MET D 206 20.61 -9.50 4.04
N GLY D 207 20.98 -8.24 4.25
CA GLY D 207 22.37 -7.85 4.40
C GLY D 207 23.24 -7.86 3.16
N ARG D 208 22.69 -8.41 2.07
CA ARG D 208 23.37 -8.52 0.79
C ARG D 208 22.50 -8.00 -0.36
N VAL D 209 23.18 -7.67 -1.46
CA VAL D 209 22.62 -7.14 -2.70
C VAL D 209 22.23 -8.33 -3.58
N GLY D 210 21.12 -8.20 -4.30
CA GLY D 210 20.69 -9.29 -5.15
C GLY D 210 21.49 -9.39 -6.43
N GLU D 212 21.41 -10.53 -7.08
CA GLU D 212 22.09 -10.70 -8.34
C GLU D 212 20.96 -10.83 -9.36
N PRO D 213 21.25 -10.60 -10.64
CA PRO D 213 20.20 -10.72 -11.66
C PRO D 213 19.55 -12.08 -11.86
N GLY D 214 20.22 -13.17 -11.51
CA GLY D 214 19.60 -14.48 -11.70
C GLY D 214 18.35 -14.58 -10.85
N GLU D 215 18.42 -13.85 -9.75
CA GLU D 215 17.36 -13.76 -8.77
C GLU D 215 16.15 -12.99 -9.30
N ILE D 216 16.37 -11.78 -9.78
CA ILE D 216 15.25 -10.97 -10.30
C ILE D 216 14.61 -11.57 -11.57
N ALA D 217 15.44 -12.27 -12.35
CA ALA D 217 14.97 -12.86 -13.59
C ALA D 217 14.07 -14.05 -13.38
N GLY D 218 14.36 -14.87 -12.36
CA GLY D 218 13.51 -16.03 -12.10
C GLY D 218 12.09 -15.55 -11.83
N ALA D 219 11.96 -14.34 -11.27
CA ALA D 219 10.64 -13.78 -10.96
C ALA D 219 9.84 -13.46 -12.22
N VAL D 220 10.50 -12.77 -13.15
CA VAL D 220 9.91 -12.39 -14.43
C VAL D 220 9.34 -13.62 -15.13
N VAL D 221 10.23 -14.58 -15.40
CA VAL D 221 9.93 -15.86 -16.07
C VAL D 221 8.72 -16.53 -15.44
N LYS D 222 8.71 -16.58 -14.11
CA LYS D 222 7.63 -17.18 -13.33
C LYS D 222 6.31 -16.60 -13.74
N LEU D 223 6.27 -15.27 -13.83
CA LEU D 223 5.06 -14.56 -14.23
C LEU D 223 4.76 -14.76 -15.71
N LEU D 224 5.83 -14.81 -16.52
CA LEU D 224 5.71 -15.03 -17.97
C LEU D 224 4.95 -16.32 -18.20
N SER D 225 5.19 -17.33 -17.34
CA SER D 225 4.54 -18.62 -17.49
C SER D 225 3.06 -18.67 -17.11
N ASP D 226 2.44 -19.82 -17.38
CA ASP D 226 1.03 -20.03 -17.07
C ASP D 226 0.89 -20.59 -15.66
N THR D 227 2.03 -20.70 -14.99
CA THR D 227 2.09 -21.15 -13.61
C THR D 227 1.19 -20.16 -12.90
N SER D 228 1.44 -18.90 -13.19
CA SER D 228 0.73 -17.75 -12.67
C SER D 228 -0.47 -17.30 -13.53
N SER D 229 -1.26 -18.27 -13.98
CA SER D 229 -2.44 -18.01 -14.78
C SER D 229 -3.54 -17.20 -14.05
N TYR D 230 -3.35 -16.91 -12.76
CA TYR D 230 -4.38 -16.18 -12.04
C TYR D 230 -3.82 -14.95 -11.41
N VAL D 231 -2.60 -14.59 -11.79
CA VAL D 231 -1.98 -13.40 -11.23
C VAL D 231 -2.10 -12.22 -12.23
N THR D 232 -2.75 -11.14 -11.82
CA THR D 232 -2.83 -9.96 -12.68
C THR D 232 -3.06 -8.67 -11.92
N GLY D 233 -2.29 -7.65 -12.26
CA GLY D 233 -2.40 -6.37 -11.61
C GLY D 233 -1.69 -6.33 -10.26
N ALA D 234 -0.73 -7.26 -10.10
CA ALA D 234 0.07 -7.44 -8.89
C ALA D 234 1.49 -6.86 -8.94
N GLU D 235 2.16 -6.83 -7.79
CA GLU D 235 3.54 -6.28 -7.66
C GLU D 235 4.43 -7.21 -6.85
N LEU D 236 5.53 -7.59 -7.45
CA LEU D 236 6.43 -8.49 -6.79
C LEU D 236 7.76 -7.82 -6.61
N ALA D 237 8.04 -7.45 -5.37
CA ALA D 237 9.32 -6.84 -5.05
C ALA D 237 10.39 -7.95 -4.99
N VAL D 238 11.55 -7.64 -5.54
CA VAL D 238 12.66 -8.58 -5.50
C VAL D 238 13.85 -7.79 -4.90
N ASP D 239 13.75 -7.43 -3.61
CA ASP D 239 14.81 -6.63 -2.94
C ASP D 239 15.40 -7.11 -1.62
N GLY D 240 15.23 -8.39 -1.31
CA GLY D 240 15.77 -8.92 -0.06
C GLY D 240 15.26 -8.20 1.18
N GLY D 241 13.99 -7.77 1.17
CA GLY D 241 13.37 -7.09 2.28
C GLY D 241 13.55 -5.58 2.33
N TRP D 242 14.38 -5.03 1.46
CA TRP D 242 14.64 -3.58 1.44
C TRP D 242 13.40 -2.74 1.68
N THR D 243 12.36 -3.03 0.93
CA THR D 243 11.09 -2.31 1.02
C THR D 243 10.14 -2.63 2.17
N THR D 244 10.28 -3.82 2.76
CA THR D 244 9.39 -4.25 3.86
C THR D 244 9.33 -3.30 5.08
N GLY D 245 10.47 -2.82 5.51
CA GLY D 245 10.54 -1.95 6.66
C GLY D 245 12.01 -1.77 7.02
N PRO D 246 12.35 -0.70 7.77
CA PRO D 246 13.72 -0.36 8.20
C PRO D 246 14.34 -1.55 8.89
N THR D 247 15.61 -1.86 8.65
CA THR D 247 16.18 -3.00 9.37
C THR D 247 16.38 -2.67 10.87
N VAL D 248 16.69 -3.71 11.64
CA VAL D 248 16.84 -3.59 13.08
C VAL D 248 17.65 -2.38 13.52
N LYS D 249 18.87 -2.24 12.98
CA LYS D 249 19.81 -1.17 13.34
C LYS D 249 19.19 0.20 13.26
N TYR D 250 18.49 0.44 12.16
CA TYR D 250 17.83 1.71 11.88
C TYR D 250 16.73 1.94 12.95
N VAL D 251 16.04 0.85 13.32
CA VAL D 251 14.99 0.97 14.33
C VAL D 251 15.58 1.23 15.72
N MET D 252 16.74 0.62 16.03
CA MET D 252 17.40 0.83 17.31
C MET D 252 17.88 2.28 17.45
N GLY D 253 17.88 3.02 16.33
CA GLY D 253 18.25 4.42 16.37
C GLY D 253 19.59 4.86 15.82
N GLN D 254 20.34 3.92 15.24
CA GLN D 254 21.65 4.24 14.67
C GLN D 254 21.87 3.60 13.30
C1 CBO E . -14.71 -17.30 1.93
C2 CBO E . -13.24 -17.63 1.59
C3 CBO E . -12.77 -16.82 0.33
C4 CBO E . -12.99 -15.28 0.40
C5 CBO E . -14.50 -15.01 0.88
C6 CBO E . -14.85 -13.47 1.07
C7 CBO E . -16.33 -13.23 0.98
C8 CBO E . -17.19 -14.16 2.03
C9 CBO E . -16.61 -15.66 2.11
C10 CBO E . -15.01 -15.90 2.12
C11 CBO E . -17.47 -16.49 3.06
C12 CBO E . -18.85 -16.21 3.12
C13 CBO E . -19.46 -15.22 2.45
C14 CBO E . -18.71 -14.33 1.49
C15 CBO E . -19.35 -12.83 1.36
C16 CBO E . -20.85 -12.95 1.16
C17 CBO E . -21.55 -13.69 2.37
C18 CBO E . -20.97 -15.17 2.56
C19 CBO E . -14.49 -15.45 3.64
C20 CBO E . -21.53 -16.30 1.61
C21 CBO E . -23.06 -16.30 1.63
C22 CBO E . -23.49 -14.88 1.13
C23 CBO E . -23.09 -13.79 2.11
C24 CBO E . -11.95 -14.52 1.36
C25 CBO E . -12.82 -14.68 -0.97
C26 CBO E . -17.22 -13.52 3.57
C27 CBO E . -18.85 -15.02 0.10
C28 CBO E . -21.34 -12.84 3.64
C29 CBO E . -10.73 -18.03 -0.45
C30 CBO E . -9.23 -17.97 -0.25
C31 CBO E . -8.71 -18.01 1.24
C32 CBO E . -9.45 -18.95 2.18
C33 CBO E . -23.62 -16.51 3.13
C34 CBO E . -23.54 -17.45 0.73
O3 CBO E . -11.33 -17.00 0.20
O11 CBO E . -17.04 -17.37 3.85
O29 CBO E . -11.28 -18.87 -1.12
O32 CBO E . -9.98 -19.99 1.60
O33 CBO E . -9.54 -18.75 3.46
O34 CBO E . -24.77 -16.07 3.42
O35 CBO E . -22.91 -17.11 4.16
C1 CBO F . -12.41 12.63 -13.91
C2 CBO F . -11.89 13.12 -12.56
C3 CBO F . -12.45 12.19 -11.46
C4 CBO F . -12.16 10.69 -11.43
C5 CBO F . -12.73 10.10 -12.80
C6 CBO F . -12.52 8.56 -13.03
C7 CBO F . -13.51 7.94 -14.03
C8 CBO F . -13.59 8.76 -15.46
C9 CBO F . -13.41 10.34 -15.28
C10 CBO F . -12.39 10.94 -14.12
C11 CBO F . -13.40 11.02 -16.65
C12 CBO F . -14.42 10.58 -17.56
C13 CBO F . -15.08 9.36 -17.44
C14 CBO F . -15.08 8.62 -16.10
C15 CBO F . -15.43 7.00 -16.18
C16 CBO F . -16.23 6.52 -17.38
C17 CBO F . -15.89 7.22 -18.79
C18 CBO F . -15.85 8.83 -18.66
C19 CBO F . -10.93 10.77 -14.56
C20 CBO F . -17.26 9.57 -18.65
C21 CBO F . -18.14 9.10 -19.81
C22 CBO F . -18.33 7.57 -19.63
C23 CBO F . -17.01 6.81 -19.77
C24 CBO F . -10.61 10.37 -11.25
C25 CBO F . -12.88 10.07 -10.19
C26 CBO F . -12.25 8.34 -16.49
C27 CBO F . -16.21 9.30 -15.24
C28 CBO F . -14.61 6.68 -19.40
C29 CBO F . -12.47 13.62 -9.61
C30 CBO F . -11.53 14.12 -8.52
C31 CBO F . -10.03 14.33 -8.92
C32 CBO F . -9.88 15.18 -10.19
C33 CBO F . -17.40 9.42 -21.12
C34 CBO F . -19.44 9.91 -19.79
O3 CBO F . -11.86 12.66 -10.28
O11 CBO F . -12.53 11.85 -17.01
O29 CBO F . -13.59 14.03 -9.86
O32 CBO F . -10.81 16.05 -10.35
O33 CBO F . -8.93 15.02 -11.04
O34 CBO F . -17.49 8.64 -22.06
O35 CBO F . -16.64 10.47 -21.31
C1 CBO G . 7.18 1.82 21.21
C2 CBO G . 5.96 2.66 20.84
C3 CBO G . 6.24 3.66 19.76
C4 CBO G . 6.84 3.02 18.47
C5 CBO G . 8.07 2.13 18.94
C6 CBO G . 9.01 1.51 17.80
C7 CBO G . 10.41 1.26 18.30
C8 CBO G . 10.43 0.40 19.70
C9 CBO G . 9.21 0.78 20.69
C10 CBO G . 7.76 1.06 20.06
C11 CBO G . 9.26 -0.11 21.92
C12 CBO G . 10.58 -0.36 22.48
C13 CBO G . 11.74 -0.10 21.78
C14 CBO G . 11.74 0.77 20.59
C15 CBO G . 13.10 0.57 19.68
C16 CBO G . 13.65 -0.87 19.72
C17 CBO G . 13.75 -1.57 21.16
C18 CBO G . 13.08 -0.65 22.29
C19 CBO G . 7.00 0.01 19.31
C20 CBO G . 13.95 0.59 22.79
C21 CBO G . 15.35 0.19 23.28
C22 CBO G . 16.05 -0.67 22.12
C23 CBO G . 15.25 -1.84 21.53
C24 CBO G . 5.76 2.15 17.65
C25 CBO G . 7.38 4.13 17.52
C26 CBO G . 10.14 -1.22 19.25
C27 CBO G . 11.77 2.23 21.16
C28 CBO G . 13.04 -2.95 21.11
C29 CBO G . 5.19 5.84 19.99
C30 CBO G . 3.81 6.16 20.42
C31 CBO G . 2.74 6.15 19.30
C32 CBO G . 2.20 4.78 19.11
C33 CBO G . 15.21 -0.57 24.59
C34 CBO G . 16.16 1.45 23.67
O3 CBO G . 5.26 4.68 19.33
O11 CBO G . 8.26 -0.71 22.43
O29 CBO G . 6.11 6.47 20.28
O32 CBO G . 2.82 4.11 18.23
O33 CBO G . 1.22 4.33 19.77
O34 CBO G . 15.60 -1.80 24.69
O35 CBO G . 14.75 0.06 25.69
C1 CBO H . 18.32 3.05 -9.96
C2 CBO H . 18.01 1.68 -10.59
C3 CBO H . 18.38 0.47 -9.75
C4 CBO H . 18.10 0.54 -8.19
C5 CBO H . 18.72 1.88 -7.64
C6 CBO H . 18.61 2.18 -6.08
C7 CBO H . 19.82 2.96 -5.64
C8 CBO H . 20.05 4.34 -6.53
C9 CBO H . 19.71 4.11 -8.08
C10 CBO H . 18.45 3.18 -8.46
C11 CBO H . 19.87 5.38 -8.85
C12 CBO H . 21.02 6.21 -8.52
C13 CBO H . 21.70 6.08 -7.32
C14 CBO H . 21.62 4.84 -6.52
C15 CBO H . 22.12 5.12 -4.96
C16 CBO H . 21.54 6.44 -4.43
C17 CBO H . 21.86 7.71 -5.36
C18 CBO H . 22.52 7.28 -6.75
C19 CBO H . 17.09 3.84 -8.23
C20 CBO H . 24.07 6.89 -6.73
C21 CBO H . 24.99 7.75 -5.79
C22 CBO H . 24.21 8.16 -4.46
C23 CBO H . 22.82 8.69 -4.64
C24 CBO H . 16.55 0.38 -7.75
C25 CBO H . 18.85 -0.66 -7.53
C26 CBO H . 18.95 5.44 -5.92
C27 CBO H . 22.65 3.82 -7.18
C28 CBO H . 20.53 8.48 -5.62
C29 CBO H . 17.87 -1.72 -11.13
C30 CBO H . 17.77 -1.00 -12.45
C31 CBO H . 16.82 -1.64 -13.53
C32 CBO H . 15.99 -0.62 -14.26
C33 CBO H . 25.48 8.99 -6.55
C34 CBO H . 26.27 6.92 -5.44
O3 CBO H . 18.00 -0.83 -10.13
O11 CBO H . 19.03 5.80 -9.71
O29 CBO H . 18.01 -2.90 -10.98
O32 CBO H . 14.90 -1.07 -14.78
O33 CBO H . 16.34 0.61 -14.37
O34 CBO H . 24.69 9.98 -6.69
O35 CBO H . 26.76 9.11 -6.97
#